data_7H6O
#
_entry.id   7H6O
#
_cell.length_a   87.641
_cell.length_b   87.641
_cell.length_c   85.693
_cell.angle_alpha   90.00
_cell.angle_beta   90.00
_cell.angle_gamma   120.00
#
_symmetry.space_group_name_H-M   'P 31'
#
loop_
_entity.id
_entity.type
_entity.pdbx_description
1 polymer 'Non-structural protein 3'
2 non-polymer 'DIMETHYL SULFOXIDE'
3 non-polymer 'CHLORIDE ION'
4 non-polymer N-[(3R)-6-oxopiperidin-3-yl]-1,3-thiazole-4-carboxamide
5 non-polymer N-[(3S)-6-oxopiperidin-3-yl]-1,3-thiazole-4-carboxamide
6 water water
#
_entity_poly.entity_id   1
_entity_poly.type   'polypeptide(L)'
_entity_poly.pdbx_seq_one_letter_code
;GAMAPSYRVKRMDIAKNDEECVVNAANPRGLPGDGVCKAVYKKWPESFKNSATPVGTAKTVMCGTYPVIHAVGPNFSNYT
ESEGDRELAAAYREVAKEVTRLGVNSVAIPLLSTGVYSGGKDRLTQSLNHLFTAMDSTDADVVIYCRDKEWEKKISEAIQ
MRT
;
_entity_poly.pdbx_strand_id   A,B,C,D
#
# COMPACT_ATOMS: atom_id res chain seq x y z
N GLY A 1 -17.20 -12.71 12.37
CA GLY A 1 -18.40 -11.82 12.18
C GLY A 1 -18.37 -10.59 13.07
N ALA A 2 -19.23 -9.61 12.81
CA ALA A 2 -19.39 -8.41 13.68
C ALA A 2 -20.13 -8.77 14.97
N MET A 3 -19.82 -8.14 16.10
CA MET A 3 -20.47 -8.50 17.40
C MET A 3 -21.99 -8.21 17.36
N ALA A 4 -22.38 -7.20 16.61
CA ALA A 4 -23.81 -6.79 16.49
C ALA A 4 -24.05 -6.36 15.05
N PRO A 5 -24.10 -7.31 14.11
CA PRO A 5 -24.12 -6.98 12.68
C PRO A 5 -25.17 -5.89 12.34
N SER A 6 -24.77 -4.90 11.56
CA SER A 6 -25.56 -3.67 11.30
C SER A 6 -25.57 -3.35 9.81
N TYR A 7 -26.52 -2.53 9.40
CA TYR A 7 -26.53 -1.80 8.12
C TYR A 7 -26.35 -0.33 8.38
N ARG A 8 -25.55 0.32 7.56
CA ARG A 8 -25.38 1.79 7.60
C ARG A 8 -25.34 2.30 6.17
N VAL A 9 -25.58 3.60 5.99
CA VAL A 9 -25.40 4.24 4.67
C VAL A 9 -24.55 5.47 4.82
N LYS A 10 -23.67 5.72 3.85
CA LYS A 10 -22.85 6.94 3.80
C LYS A 10 -22.86 7.49 2.37
N ARG A 11 -22.90 8.81 2.30
CA ARG A 11 -22.89 9.58 1.03
C ARG A 11 -21.49 10.07 0.77
N MET A 12 -20.72 9.30 0.02
CA MET A 12 -19.31 9.60 -0.32
C MET A 12 -18.83 8.51 -1.27
N ASP A 13 -17.66 8.75 -1.80
CA ASP A 13 -16.97 7.85 -2.75
C ASP A 13 -16.61 6.53 -2.06
N ILE A 14 -17.13 5.42 -2.57
CA ILE A 14 -16.81 4.06 -2.03
C ILE A 14 -15.31 3.78 -2.12
N ALA A 15 -14.52 4.41 -3.01
CA ALA A 15 -13.05 4.30 -2.99
C ALA A 15 -12.39 4.80 -1.70
N LYS A 16 -13.08 5.54 -0.83
CA LYS A 16 -12.56 6.08 0.45
C LYS A 16 -13.18 5.27 1.62
N ASN A 17 -13.70 4.06 1.40
CA ASN A 17 -14.43 3.30 2.46
C ASN A 17 -13.51 2.92 3.63
N ASP A 18 -14.11 2.63 4.76
CA ASP A 18 -13.48 2.21 6.03
C ASP A 18 -13.83 0.75 6.37
N GLU A 19 -14.10 -0.08 5.37
CA GLU A 19 -14.51 -1.47 5.54
C GLU A 19 -13.39 -2.44 5.11
N GLU A 20 -13.53 -3.71 5.43
CA GLU A 20 -12.45 -4.71 5.20
C GLU A 20 -12.41 -5.21 3.76
N CYS A 21 -13.44 -4.90 2.97
CA CYS A 21 -13.49 -5.27 1.54
C CYS A 21 -14.52 -4.38 0.85
N VAL A 22 -14.45 -4.35 -0.47
CA VAL A 22 -15.34 -3.52 -1.31
C VAL A 22 -16.00 -4.35 -2.38
N VAL A 23 -17.23 -4.01 -2.67
CA VAL A 23 -17.96 -4.56 -3.84
C VAL A 23 -17.89 -3.53 -4.97
N ASN A 24 -17.34 -3.95 -6.12
CA ASN A 24 -17.37 -3.12 -7.34
C ASN A 24 -18.66 -3.35 -8.11
N ALA A 25 -19.31 -2.29 -8.59
CA ALA A 25 -20.41 -2.41 -9.59
C ALA A 25 -19.75 -2.56 -10.97
N ALA A 26 -19.32 -3.78 -11.25
CA ALA A 26 -18.48 -4.15 -12.41
C ALA A 26 -19.29 -4.31 -13.70
N ASN A 27 -18.56 -4.20 -14.81
CA ASN A 27 -19.05 -4.70 -16.12
C ASN A 27 -18.58 -6.12 -16.31
N PRO A 28 -19.21 -6.87 -17.24
CA PRO A 28 -18.84 -8.27 -17.42
C PRO A 28 -17.45 -8.51 -17.99
N ARG A 29 -16.85 -7.47 -18.56
CA ARG A 29 -15.59 -7.59 -19.34
C ARG A 29 -14.40 -7.19 -18.50
N GLY A 30 -14.57 -6.81 -17.23
CA GLY A 30 -13.42 -6.38 -16.42
C GLY A 30 -12.80 -5.11 -16.94
N LEU A 31 -13.55 -4.26 -17.63
CA LEU A 31 -13.06 -2.97 -18.16
C LEU A 31 -13.13 -1.88 -17.09
N PRO A 32 -12.28 -0.82 -17.16
CA PRO A 32 -12.34 0.27 -16.19
C PRO A 32 -13.71 0.93 -16.06
N GLY A 33 -14.47 1.01 -17.14
CA GLY A 33 -15.87 1.46 -17.06
C GLY A 33 -16.06 2.93 -16.73
N ASP A 34 -17.16 3.25 -16.06
CA ASP A 34 -17.54 4.63 -15.65
C ASP A 34 -18.13 4.58 -14.23
N GLY A 35 -18.30 5.73 -13.60
CA GLY A 35 -19.00 5.78 -12.31
C GLY A 35 -18.22 5.10 -11.18
N VAL A 36 -18.92 4.33 -10.33
CA VAL A 36 -18.28 3.54 -9.25
C VAL A 36 -17.16 2.67 -9.84
N CYS A 37 -17.42 2.01 -10.96
CA CYS A 37 -16.42 1.06 -11.54
C CYS A 37 -15.10 1.81 -11.82
N LYS A 38 -15.17 3.02 -12.37
CA LYS A 38 -13.96 3.79 -12.74
C LYS A 38 -13.24 4.27 -11.47
N ALA A 39 -14.00 4.59 -10.41
CA ALA A 39 -13.38 4.99 -9.10
C ALA A 39 -12.62 3.81 -8.52
N VAL A 40 -13.23 2.63 -8.57
CA VAL A 40 -12.64 1.36 -8.09
C VAL A 40 -11.37 1.10 -8.93
N TYR A 41 -11.43 1.25 -10.26
CA TYR A 41 -10.25 1.02 -11.12
C TYR A 41 -9.07 1.94 -10.74
N LYS A 42 -9.35 3.20 -10.43
CA LYS A 42 -8.31 4.20 -10.04
C LYS A 42 -7.67 3.77 -8.71
N LYS A 43 -8.49 3.31 -7.75
CA LYS A 43 -8.01 3.01 -6.37
C LYS A 43 -7.32 1.64 -6.30
N TRP A 44 -7.83 0.66 -7.03
CA TRP A 44 -7.41 -0.76 -6.93
C TRP A 44 -7.25 -1.36 -8.31
N PRO A 45 -6.40 -0.78 -9.20
CA PRO A 45 -6.30 -1.28 -10.57
C PRO A 45 -5.79 -2.72 -10.66
N GLU A 46 -4.97 -3.13 -9.69
CA GLU A 46 -4.42 -4.50 -9.65
C GLU A 46 -5.57 -5.52 -9.58
N SER A 47 -6.74 -5.13 -9.04
CA SER A 47 -7.87 -6.04 -8.83
C SER A 47 -8.59 -6.33 -10.14
N PHE A 48 -8.17 -5.74 -11.24
CA PHE A 48 -8.85 -5.97 -12.54
C PHE A 48 -8.13 -7.04 -13.38
N LYS A 49 -7.14 -7.72 -12.81
CA LYS A 49 -6.49 -8.90 -13.43
C LYS A 49 -7.50 -10.06 -13.48
N ASN A 50 -7.95 -10.45 -14.68
CA ASN A 50 -8.89 -11.61 -14.84
C ASN A 50 -10.13 -11.42 -13.97
N SER A 51 -10.66 -10.19 -13.96
CA SER A 51 -11.91 -9.92 -13.20
C SER A 51 -13.17 -10.11 -14.06
N ALA A 52 -13.08 -10.27 -15.37
CA ALA A 52 -14.25 -10.54 -16.24
C ALA A 52 -15.05 -11.73 -15.70
N THR A 53 -16.39 -11.58 -15.67
CA THR A 53 -17.35 -12.55 -15.09
C THR A 53 -18.73 -12.27 -15.68
N PRO A 54 -19.62 -13.28 -15.81
CA PRO A 54 -20.91 -13.03 -16.44
C PRO A 54 -21.87 -12.20 -15.61
N VAL A 55 -22.93 -11.74 -16.24
CA VAL A 55 -24.00 -11.03 -15.54
C VAL A 55 -24.58 -11.97 -14.47
N GLY A 56 -24.91 -11.42 -13.29
CA GLY A 56 -25.58 -12.19 -12.21
C GLY A 56 -24.55 -12.91 -11.34
N THR A 57 -23.26 -12.64 -11.53
CA THR A 57 -22.16 -13.30 -10.75
C THR A 57 -21.26 -12.28 -10.07
N ALA A 58 -20.43 -12.79 -9.15
CA ALA A 58 -19.40 -12.01 -8.47
C ALA A 58 -18.09 -12.79 -8.54
N LYS A 59 -17.01 -12.06 -8.76
CA LYS A 59 -15.66 -12.64 -8.84
C LYS A 59 -14.73 -11.77 -7.99
N THR A 60 -14.08 -12.35 -6.98
CA THR A 60 -13.18 -11.59 -6.08
C THR A 60 -11.74 -11.66 -6.60
N VAL A 61 -11.06 -10.52 -6.65
CA VAL A 61 -9.62 -10.39 -6.97
C VAL A 61 -8.99 -9.51 -5.90
N MET A 62 -7.88 -9.98 -5.34
N MET A 62 -7.88 -9.98 -5.35
CA MET A 62 -7.16 -9.26 -4.25
CA MET A 62 -7.13 -9.25 -4.31
C MET A 62 -6.33 -8.11 -4.85
C MET A 62 -6.40 -8.05 -4.93
N CYS A 63 -6.33 -6.95 -4.19
CA CYS A 63 -5.39 -5.84 -4.45
C CYS A 63 -4.47 -5.78 -3.23
N GLY A 64 -3.26 -6.36 -3.32
CA GLY A 64 -2.52 -6.67 -2.08
C GLY A 64 -3.22 -7.75 -1.29
N THR A 65 -3.67 -7.48 -0.07
CA THR A 65 -4.51 -8.35 0.72
C THR A 65 -5.95 -7.80 0.80
N TYR A 66 -6.27 -6.72 0.09
CA TYR A 66 -7.59 -6.04 0.20
C TYR A 66 -8.52 -6.63 -0.86
N PRO A 67 -9.63 -7.34 -0.49
CA PRO A 67 -10.50 -8.01 -1.49
C PRO A 67 -11.44 -7.04 -2.21
N VAL A 68 -11.45 -7.14 -3.54
CA VAL A 68 -12.41 -6.41 -4.40
C VAL A 68 -13.33 -7.46 -5.00
N ILE A 69 -14.62 -7.39 -4.66
CA ILE A 69 -15.64 -8.35 -5.12
C ILE A 69 -16.30 -7.69 -6.33
N HIS A 70 -15.99 -8.15 -7.54
CA HIS A 70 -16.57 -7.57 -8.78
C HIS A 70 -17.94 -8.18 -8.99
N ALA A 71 -18.99 -7.43 -8.77
CA ALA A 71 -20.40 -7.92 -8.86
C ALA A 71 -21.04 -7.33 -10.13
N VAL A 72 -21.50 -8.22 -11.00
CA VAL A 72 -22.04 -7.76 -12.33
C VAL A 72 -23.57 -7.79 -12.30
N GLY A 73 -24.17 -6.62 -12.13
CA GLY A 73 -25.61 -6.44 -12.25
C GLY A 73 -25.98 -6.33 -13.73
N PRO A 74 -27.23 -6.61 -14.04
CA PRO A 74 -27.74 -6.49 -15.41
C PRO A 74 -27.87 -5.02 -15.83
N ASN A 75 -27.64 -4.78 -17.13
CA ASN A 75 -27.98 -3.47 -17.74
C ASN A 75 -29.44 -3.54 -18.22
N PHE A 76 -30.36 -2.82 -17.59
CA PHE A 76 -31.83 -2.85 -17.83
C PHE A 76 -32.13 -2.24 -19.21
N SER A 77 -31.14 -1.67 -19.89
CA SER A 77 -31.33 -1.31 -21.33
C SER A 77 -31.45 -2.57 -22.21
N ASN A 78 -30.87 -3.68 -21.78
CA ASN A 78 -30.70 -4.90 -22.61
C ASN A 78 -31.61 -6.02 -22.13
N TYR A 79 -31.83 -6.12 -20.82
CA TYR A 79 -32.68 -7.16 -20.19
C TYR A 79 -34.15 -6.69 -20.13
N THR A 80 -35.08 -7.64 -20.19
CA THR A 80 -36.49 -7.43 -19.82
C THR A 80 -36.57 -7.07 -18.33
N GLU A 81 -37.61 -6.37 -17.87
CA GLU A 81 -37.77 -6.14 -16.40
C GLU A 81 -37.68 -7.46 -15.63
N SER A 82 -38.33 -8.51 -16.09
CA SER A 82 -38.40 -9.82 -15.42
C SER A 82 -37.00 -10.46 -15.32
N GLU A 83 -36.31 -10.57 -16.44
CA GLU A 83 -35.00 -11.26 -16.46
C GLU A 83 -33.98 -10.40 -15.71
N GLY A 84 -34.02 -9.11 -15.89
CA GLY A 84 -33.13 -8.18 -15.19
C GLY A 84 -33.34 -8.30 -13.70
N ASP A 85 -34.59 -8.32 -13.27
CA ASP A 85 -34.86 -8.50 -11.82
C ASP A 85 -34.20 -9.79 -11.33
N ARG A 86 -34.30 -10.91 -12.05
CA ARG A 86 -33.72 -12.21 -11.64
C ARG A 86 -32.17 -12.10 -11.54
N GLU A 87 -31.53 -11.48 -12.52
CA GLU A 87 -30.05 -11.39 -12.53
C GLU A 87 -29.59 -10.44 -11.43
N LEU A 88 -30.35 -9.41 -11.11
CA LEU A 88 -29.95 -8.43 -10.08
C LEU A 88 -30.00 -9.13 -8.71
N ALA A 89 -31.07 -9.85 -8.43
CA ALA A 89 -31.14 -10.69 -7.21
C ALA A 89 -29.97 -11.68 -7.16
N ALA A 90 -29.62 -12.32 -8.28
CA ALA A 90 -28.57 -13.35 -8.31
C ALA A 90 -27.20 -12.70 -7.98
N ALA A 91 -26.87 -11.56 -8.58
CA ALA A 91 -25.58 -10.89 -8.33
C ALA A 91 -25.40 -10.71 -6.80
N TYR A 92 -26.43 -10.18 -6.13
CA TYR A 92 -26.32 -9.96 -4.68
C TYR A 92 -26.18 -11.30 -3.94
N ARG A 93 -26.89 -12.34 -4.31
CA ARG A 93 -26.67 -13.66 -3.65
C ARG A 93 -25.22 -14.09 -3.79
N GLU A 94 -24.55 -13.86 -4.93
CA GLU A 94 -23.12 -14.22 -5.12
C GLU A 94 -22.25 -13.29 -4.27
N VAL A 95 -22.56 -12.04 -4.07
CA VAL A 95 -21.82 -11.16 -3.15
C VAL A 95 -21.88 -11.77 -1.74
N ALA A 96 -23.07 -12.17 -1.29
CA ALA A 96 -23.18 -12.72 0.09
C ALA A 96 -22.28 -13.95 0.26
N LYS A 97 -22.22 -14.84 -0.73
CA LYS A 97 -21.35 -16.05 -0.70
C LYS A 97 -19.88 -15.59 -0.58
N GLU A 98 -19.45 -14.60 -1.36
CA GLU A 98 -18.05 -14.15 -1.33
C GLU A 98 -17.70 -13.53 0.01
N VAL A 99 -18.54 -12.63 0.52
CA VAL A 99 -18.31 -11.95 1.82
C VAL A 99 -18.17 -13.06 2.87
N THR A 100 -19.05 -14.04 2.84
CA THR A 100 -18.96 -15.17 3.82
C THR A 100 -17.64 -15.91 3.68
N ARG A 101 -17.28 -16.32 2.47
CA ARG A 101 -16.05 -17.09 2.17
C ARG A 101 -14.79 -16.33 2.64
N LEU A 102 -14.77 -15.02 2.49
CA LEU A 102 -13.59 -14.18 2.80
C LEU A 102 -13.42 -14.07 4.33
N GLY A 103 -14.48 -14.29 5.10
CA GLY A 103 -14.43 -14.17 6.58
C GLY A 103 -14.25 -12.75 7.06
N VAL A 104 -14.61 -11.74 6.25
CA VAL A 104 -14.51 -10.33 6.64
C VAL A 104 -15.57 -9.98 7.71
N ASN A 105 -15.30 -8.96 8.49
CA ASN A 105 -16.25 -8.45 9.49
C ASN A 105 -17.04 -7.26 8.94
N SER A 106 -16.65 -6.71 7.78
CA SER A 106 -17.34 -5.52 7.23
C SER A 106 -17.14 -5.52 5.70
N VAL A 107 -18.08 -4.89 4.99
CA VAL A 107 -18.05 -4.80 3.50
C VAL A 107 -18.69 -3.48 3.08
N ALA A 108 -18.08 -2.81 2.10
CA ALA A 108 -18.58 -1.56 1.48
C ALA A 108 -19.29 -1.97 0.18
N ILE A 109 -20.53 -1.54 -0.02
N ILE A 109 -20.57 -1.60 0.02
CA ILE A 109 -21.34 -2.01 -1.18
CA ILE A 109 -21.43 -2.05 -1.12
C ILE A 109 -22.15 -0.88 -1.79
C ILE A 109 -22.09 -0.84 -1.78
N PRO A 110 -22.11 -0.77 -3.14
CA PRO A 110 -22.95 0.19 -3.86
C PRO A 110 -24.27 -0.46 -4.24
N LEU A 111 -25.30 0.34 -4.60
CA LEU A 111 -26.54 -0.28 -5.12
C LEU A 111 -26.36 -0.66 -6.59
N LEU A 112 -26.32 -1.95 -6.87
CA LEU A 112 -26.13 -2.49 -8.24
C LEU A 112 -27.29 -2.06 -9.15
N SER A 113 -26.92 -1.77 -10.41
CA SER A 113 -27.86 -1.50 -11.53
C SER A 113 -28.67 -0.20 -11.28
N THR A 114 -28.19 0.73 -10.44
CA THR A 114 -28.95 2.00 -10.16
C THR A 114 -28.41 3.20 -10.93
N GLY A 115 -27.26 3.06 -11.58
CA GLY A 115 -26.59 4.11 -12.37
C GLY A 115 -26.84 3.94 -13.86
N VAL A 116 -25.78 3.88 -14.66
CA VAL A 116 -25.96 3.76 -16.14
C VAL A 116 -26.55 2.40 -16.55
N TYR A 117 -26.66 1.40 -15.66
CA TYR A 117 -27.35 0.13 -15.96
C TYR A 117 -28.81 0.13 -15.54
N SER A 118 -29.35 1.28 -15.10
CA SER A 118 -30.76 1.39 -14.59
C SER A 118 -31.77 1.40 -15.75
N GLY A 119 -31.33 1.64 -16.98
CA GLY A 119 -32.28 1.79 -18.11
C GLY A 119 -33.13 3.04 -17.95
N GLY A 120 -32.61 4.05 -17.25
CA GLY A 120 -33.23 5.35 -17.02
C GLY A 120 -34.38 5.34 -15.99
N LYS A 121 -34.44 4.31 -15.14
CA LYS A 121 -35.48 4.16 -14.10
C LYS A 121 -34.84 4.36 -12.71
N ASP A 122 -35.68 4.71 -11.74
CA ASP A 122 -35.28 4.79 -10.31
C ASP A 122 -35.42 3.38 -9.77
N ARG A 123 -34.29 2.74 -9.42
CA ARG A 123 -34.31 1.34 -8.94
C ARG A 123 -33.72 1.27 -7.51
N LEU A 124 -33.77 2.37 -6.75
CA LEU A 124 -33.30 2.37 -5.33
C LEU A 124 -33.97 1.21 -4.59
N THR A 125 -35.29 1.19 -4.51
CA THR A 125 -36.02 0.20 -3.67
C THR A 125 -35.78 -1.23 -4.19
N GLN A 126 -35.81 -1.42 -5.49
CA GLN A 126 -35.63 -2.76 -6.11
C GLN A 126 -34.24 -3.27 -5.72
N SER A 127 -33.25 -2.42 -5.91
CA SER A 127 -31.84 -2.87 -5.74
C SER A 127 -31.58 -3.08 -4.23
N LEU A 128 -32.00 -2.13 -3.40
CA LEU A 128 -31.80 -2.20 -1.92
C LEU A 128 -32.52 -3.42 -1.35
N ASN A 129 -33.73 -3.75 -1.82
CA ASN A 129 -34.43 -4.93 -1.26
C ASN A 129 -33.71 -6.22 -1.66
N HIS A 130 -33.14 -6.32 -2.89
CA HIS A 130 -32.32 -7.50 -3.25
C HIS A 130 -31.04 -7.57 -2.40
N LEU A 131 -30.45 -6.44 -2.07
CA LEU A 131 -29.26 -6.39 -1.19
C LEU A 131 -29.66 -6.98 0.16
N PHE A 132 -30.76 -6.51 0.73
CA PHE A 132 -31.20 -7.03 2.05
C PHE A 132 -31.47 -8.51 1.94
N THR A 133 -32.18 -9.00 0.92
CA THR A 133 -32.52 -10.45 0.80
C THR A 133 -31.24 -11.28 0.91
N ALA A 134 -30.18 -10.84 0.22
CA ALA A 134 -28.94 -11.62 0.19
C ALA A 134 -28.13 -11.44 1.49
N MET A 135 -28.01 -10.22 2.01
CA MET A 135 -27.06 -9.89 3.08
C MET A 135 -27.67 -10.16 4.47
N ASP A 136 -28.97 -10.31 4.59
CA ASP A 136 -29.60 -10.44 5.95
C ASP A 136 -29.04 -11.65 6.68
N SER A 137 -28.67 -12.74 6.01
CA SER A 137 -28.23 -13.99 6.67
C SER A 137 -26.71 -13.94 6.94
N THR A 138 -25.99 -12.88 6.49
CA THR A 138 -24.55 -12.71 6.77
C THR A 138 -24.36 -11.93 8.08
N ASP A 139 -23.19 -12.09 8.72
CA ASP A 139 -22.94 -11.35 9.98
C ASP A 139 -21.90 -10.26 9.80
N ALA A 140 -21.59 -9.89 8.56
CA ALA A 140 -20.71 -8.72 8.32
C ALA A 140 -21.45 -7.39 8.56
N ASP A 141 -20.77 -6.38 9.07
CA ASP A 141 -21.29 -5.00 9.07
C ASP A 141 -21.34 -4.57 7.59
N VAL A 142 -22.50 -4.12 7.13
CA VAL A 142 -22.69 -3.68 5.72
C VAL A 142 -22.81 -2.16 5.71
N VAL A 143 -21.96 -1.52 4.91
CA VAL A 143 -21.98 -0.04 4.73
C VAL A 143 -22.28 0.25 3.26
N ILE A 144 -23.42 0.84 3.02
CA ILE A 144 -23.93 1.12 1.66
C ILE A 144 -23.44 2.50 1.29
N TYR A 145 -22.86 2.66 0.10
CA TYR A 145 -22.32 3.95 -0.39
C TYR A 145 -23.22 4.49 -1.49
N CYS A 146 -23.56 5.77 -1.41
CA CYS A 146 -24.38 6.45 -2.44
C CYS A 146 -23.78 7.85 -2.67
N ARG A 147 -24.27 8.56 -3.69
CA ARG A 147 -23.71 9.92 -3.97
C ARG A 147 -24.78 11.01 -3.79
N ASP A 148 -26.06 10.68 -3.92
CA ASP A 148 -27.19 11.65 -3.95
C ASP A 148 -27.78 11.88 -2.55
N LYS A 149 -28.06 13.14 -2.17
CA LYS A 149 -28.57 13.48 -0.83
C LYS A 149 -29.95 12.85 -0.60
N GLU A 150 -30.80 12.86 -1.63
CA GLU A 150 -32.16 12.28 -1.48
C GLU A 150 -32.08 10.76 -1.38
N TRP A 151 -31.18 10.12 -2.13
CA TRP A 151 -30.94 8.66 -1.97
C TRP A 151 -30.44 8.32 -0.57
N GLU A 152 -29.54 9.10 0.03
CA GLU A 152 -29.03 8.82 1.41
C GLU A 152 -30.24 8.78 2.36
N LYS A 153 -31.14 9.78 2.26
CA LYS A 153 -32.29 9.86 3.19
C LYS A 153 -33.18 8.62 3.01
N LYS A 154 -33.47 8.22 1.77
CA LYS A 154 -34.37 7.09 1.49
C LYS A 154 -33.76 5.76 1.95
N ILE A 155 -32.47 5.55 1.69
CA ILE A 155 -31.73 4.34 2.16
C ILE A 155 -31.73 4.30 3.70
N SER A 156 -31.45 5.42 4.34
CA SER A 156 -31.41 5.53 5.82
C SER A 156 -32.79 5.18 6.37
N GLU A 157 -33.84 5.73 5.78
CA GLU A 157 -35.23 5.44 6.22
C GLU A 157 -35.51 3.93 6.11
N ALA A 158 -35.10 3.30 5.02
CA ALA A 158 -35.39 1.87 4.78
C ALA A 158 -34.66 1.02 5.82
N ILE A 159 -33.43 1.41 6.15
CA ILE A 159 -32.65 0.68 7.20
C ILE A 159 -33.41 0.81 8.53
N GLN A 160 -33.78 2.04 8.91
CA GLN A 160 -34.35 2.35 10.25
C GLN A 160 -35.71 1.68 10.39
N MET A 161 -36.50 1.57 9.30
CA MET A 161 -37.87 0.95 9.27
C MET A 161 -37.82 -0.47 9.85
N ARG A 162 -36.82 -1.27 9.50
CA ARG A 162 -36.70 -2.68 9.96
C ARG A 162 -36.18 -2.70 11.41
N THR A 163 -35.58 -1.58 11.84
CA THR A 163 -35.31 -1.07 13.22
C THR A 163 -33.81 -0.77 13.30
N GLY B 1 -7.69 14.39 30.59
CA GLY B 1 -6.46 15.23 30.40
C GLY B 1 -5.24 14.40 30.16
N ALA B 2 -4.16 15.01 29.69
CA ALA B 2 -2.86 14.35 29.47
C ALA B 2 -2.12 14.42 30.79
N MET B 3 -1.34 13.41 31.17
CA MET B 3 -0.83 13.38 32.56
C MET B 3 0.08 14.60 32.77
N ALA B 4 0.69 15.08 31.69
CA ALA B 4 1.57 16.26 31.70
C ALA B 4 1.31 17.07 30.42
N PRO B 5 0.22 17.85 30.38
CA PRO B 5 -0.17 18.50 29.12
C PRO B 5 1.05 19.19 28.46
N SER B 6 1.23 18.96 27.15
CA SER B 6 2.34 19.49 26.34
C SER B 6 1.81 20.10 25.03
N TYR B 7 2.69 20.88 24.43
CA TYR B 7 2.68 21.25 22.99
C TYR B 7 3.84 20.54 22.26
N ARG B 8 3.54 19.98 21.08
CA ARG B 8 4.55 19.39 20.16
C ARG B 8 4.28 19.95 18.77
N VAL B 9 5.28 19.88 17.88
CA VAL B 9 5.12 20.24 16.44
C VAL B 9 5.60 19.07 15.60
N LYS B 10 4.87 18.75 14.54
CA LYS B 10 5.17 17.66 13.58
C LYS B 10 5.06 18.25 12.17
N ARG B 11 6.08 18.04 11.33
CA ARG B 11 6.07 18.49 9.91
C ARG B 11 5.57 17.34 9.02
N MET B 12 4.27 17.27 8.78
CA MET B 12 3.62 16.21 7.99
C MET B 12 2.16 16.58 7.78
N ASP B 13 1.52 15.80 6.91
CA ASP B 13 0.07 15.83 6.58
C ASP B 13 -0.76 15.52 7.83
N ILE B 14 -1.55 16.49 8.25
CA ILE B 14 -2.40 16.38 9.46
C ILE B 14 -3.44 15.28 9.26
N ALA B 15 -3.76 14.86 8.02
CA ALA B 15 -4.70 13.72 7.82
C ALA B 15 -4.11 12.38 8.33
N LYS B 16 -2.80 12.32 8.54
CA LYS B 16 -2.13 11.12 9.11
C LYS B 16 -1.86 11.27 10.62
N ASN B 17 -2.56 12.19 11.32
CA ASN B 17 -2.30 12.46 12.75
C ASN B 17 -2.63 11.23 13.60
N ASP B 18 -1.94 11.06 14.73
CA ASP B 18 -2.20 9.99 15.72
C ASP B 18 -2.77 10.61 17.01
N GLU B 19 -3.63 11.63 16.88
CA GLU B 19 -4.36 12.24 18.02
C GLU B 19 -5.82 11.84 18.03
N GLU B 20 -6.50 12.17 19.11
CA GLU B 20 -7.88 11.70 19.39
C GLU B 20 -8.87 12.52 18.57
N CYS B 21 -8.41 13.65 18.00
CA CYS B 21 -9.28 14.48 17.12
C CYS B 21 -8.38 15.42 16.29
N VAL B 22 -9.00 16.02 15.26
CA VAL B 22 -8.31 16.89 14.30
C VAL B 22 -9.11 18.19 14.14
N VAL B 23 -8.33 19.25 14.01
CA VAL B 23 -8.88 20.60 13.62
C VAL B 23 -8.61 20.79 12.13
N ASN B 24 -9.69 20.96 11.38
CA ASN B 24 -9.61 21.37 9.96
C ASN B 24 -9.54 22.91 9.89
N ALA B 25 -8.66 23.39 9.03
CA ALA B 25 -8.63 24.80 8.60
C ALA B 25 -9.71 24.95 7.52
N ALA B 26 -10.94 25.08 7.95
CA ALA B 26 -12.15 25.01 7.10
C ALA B 26 -12.42 26.36 6.41
N ASN B 27 -13.21 26.30 5.33
CA ASN B 27 -13.95 27.46 4.81
C ASN B 27 -15.35 27.50 5.38
N PRO B 28 -16.05 28.64 5.30
CA PRO B 28 -17.36 28.79 5.93
C PRO B 28 -18.44 27.90 5.30
N ARG B 29 -18.24 27.39 4.09
CA ARG B 29 -19.34 26.76 3.34
C ARG B 29 -19.20 25.24 3.38
N GLY B 30 -18.21 24.71 4.07
CA GLY B 30 -17.97 23.25 4.12
C GLY B 30 -17.60 22.68 2.78
N LEU B 31 -16.89 23.45 1.97
CA LEU B 31 -16.38 23.00 0.66
C LEU B 31 -15.02 22.33 0.84
N PRO B 32 -14.57 21.47 -0.11
CA PRO B 32 -13.26 20.83 0.00
C PRO B 32 -11.99 21.73 0.08
N GLY B 33 -11.98 22.87 -0.59
CA GLY B 33 -10.93 23.90 -0.40
C GLY B 33 -9.53 23.51 -0.83
N ASP B 34 -8.51 24.09 -0.23
CA ASP B 34 -7.05 23.89 -0.54
C ASP B 34 -6.28 23.47 0.69
N GLY B 35 -5.00 23.15 0.54
CA GLY B 35 -4.05 22.90 1.65
C GLY B 35 -4.58 21.87 2.62
N VAL B 36 -4.52 22.17 3.93
CA VAL B 36 -5.03 21.29 5.01
C VAL B 36 -6.48 20.85 4.70
N CYS B 37 -7.37 21.76 4.28
CA CYS B 37 -8.79 21.45 4.06
C CYS B 37 -8.91 20.33 3.02
N LYS B 38 -8.10 20.41 1.96
CA LYS B 38 -8.18 19.42 0.85
C LYS B 38 -7.70 18.05 1.37
N ALA B 39 -6.64 18.06 2.18
CA ALA B 39 -6.10 16.85 2.82
C ALA B 39 -7.14 16.22 3.76
N VAL B 40 -7.86 17.04 4.55
CA VAL B 40 -8.92 16.55 5.46
C VAL B 40 -10.09 15.98 4.66
N TYR B 41 -10.47 16.60 3.54
CA TYR B 41 -11.60 16.12 2.74
C TYR B 41 -11.27 14.76 2.11
N LYS B 42 -10.01 14.54 1.78
CA LYS B 42 -9.58 13.26 1.13
C LYS B 42 -9.93 12.09 2.06
N LYS B 43 -9.80 12.27 3.38
CA LYS B 43 -9.98 11.12 4.33
C LYS B 43 -11.36 11.10 5.00
N TRP B 44 -11.84 12.27 5.43
CA TRP B 44 -13.13 12.39 6.12
C TRP B 44 -14.08 13.26 5.34
N PRO B 45 -14.42 12.94 4.07
CA PRO B 45 -15.42 13.71 3.37
C PRO B 45 -16.75 13.73 4.08
N GLU B 46 -17.20 12.62 4.69
CA GLU B 46 -18.53 12.60 5.35
C GLU B 46 -18.47 13.46 6.63
N SER B 47 -17.28 13.89 7.04
CA SER B 47 -17.14 14.95 8.08
C SER B 47 -17.57 16.31 7.53
N PHE B 48 -17.77 16.50 6.22
CA PHE B 48 -18.24 17.77 5.64
C PHE B 48 -19.76 17.80 5.51
N LYS B 49 -20.48 16.78 6.01
CA LYS B 49 -21.94 16.82 6.07
C LYS B 49 -22.36 17.91 7.04
N ASN B 50 -22.96 18.98 6.54
CA ASN B 50 -23.56 20.06 7.34
C ASN B 50 -22.45 20.70 8.18
N SER B 51 -21.28 20.85 7.61
CA SER B 51 -20.13 21.46 8.35
C SER B 51 -20.03 22.96 8.14
N ALA B 52 -20.82 23.54 7.23
CA ALA B 52 -20.85 25.02 7.05
C ALA B 52 -21.07 25.74 8.39
N THR B 53 -20.26 26.77 8.66
CA THR B 53 -20.26 27.51 9.96
C THR B 53 -19.63 28.87 9.69
N PRO B 54 -20.00 29.95 10.40
CA PRO B 54 -19.42 31.27 10.14
C PRO B 54 -17.96 31.43 10.51
N VAL B 55 -17.34 32.46 9.93
CA VAL B 55 -15.98 32.89 10.29
C VAL B 55 -15.94 33.12 11.80
N GLY B 56 -14.86 32.68 12.45
CA GLY B 56 -14.65 32.91 13.88
C GLY B 56 -15.32 31.82 14.72
N THR B 57 -15.81 30.75 14.10
CA THR B 57 -16.50 29.63 14.82
C THR B 57 -15.88 28.27 14.48
N ALA B 58 -16.26 27.29 15.30
CA ALA B 58 -15.86 25.88 15.09
C ALA B 58 -17.10 25.02 15.17
N LYS B 59 -17.19 24.04 14.26
CA LYS B 59 -18.31 23.08 14.17
C LYS B 59 -17.76 21.66 14.09
N THR B 60 -18.12 20.79 15.03
CA THR B 60 -17.55 19.42 15.07
C THR B 60 -18.53 18.45 14.38
N VAL B 61 -17.98 17.64 13.49
CA VAL B 61 -18.72 16.51 12.85
C VAL B 61 -17.96 15.24 13.18
N MET B 62 -18.73 14.30 13.77
CA MET B 62 -18.29 12.97 14.24
C MET B 62 -18.32 12.04 13.04
N CYS B 63 -17.17 11.42 12.76
CA CYS B 63 -17.03 10.27 11.85
C CYS B 63 -16.90 9.02 12.73
N GLY B 64 -18.03 8.40 13.07
CA GLY B 64 -18.02 7.34 14.08
C GLY B 64 -17.71 7.96 15.42
N THR B 65 -16.58 7.55 16.00
CA THR B 65 -16.04 7.98 17.31
C THR B 65 -15.14 9.21 17.16
N TYR B 66 -14.64 9.44 15.93
CA TYR B 66 -13.53 10.40 15.65
C TYR B 66 -14.08 11.80 15.34
N PRO B 67 -13.81 12.80 16.20
CA PRO B 67 -14.21 14.19 15.94
C PRO B 67 -13.30 14.97 14.95
N VAL B 68 -13.96 15.60 13.97
CA VAL B 68 -13.35 16.59 13.05
C VAL B 68 -13.91 17.96 13.41
N ILE B 69 -13.04 18.83 13.92
CA ILE B 69 -13.45 20.18 14.38
C ILE B 69 -13.14 21.18 13.25
N HIS B 70 -14.18 21.60 12.56
CA HIS B 70 -14.01 22.56 11.45
C HIS B 70 -13.90 23.98 12.02
N ALA B 71 -12.72 24.54 11.95
CA ALA B 71 -12.43 25.88 12.51
C ALA B 71 -12.27 26.86 11.36
N VAL B 72 -13.09 27.91 11.35
CA VAL B 72 -13.08 28.87 10.20
C VAL B 72 -12.33 30.15 10.59
N GLY B 73 -11.07 30.26 10.16
CA GLY B 73 -10.29 31.50 10.29
C GLY B 73 -10.68 32.46 9.18
N PRO B 74 -10.44 33.76 9.41
CA PRO B 74 -10.74 34.80 8.42
C PRO B 74 -9.77 34.72 7.25
N ASN B 75 -10.31 35.07 6.08
CA ASN B 75 -9.49 35.33 4.87
C ASN B 75 -9.06 36.79 4.93
N PHE B 76 -7.78 37.06 5.19
CA PHE B 76 -7.19 38.42 5.28
C PHE B 76 -7.22 39.11 3.90
N SER B 77 -7.57 38.44 2.81
CA SER B 77 -7.85 39.13 1.52
C SER B 77 -9.14 39.95 1.66
N ASN B 78 -10.05 39.53 2.53
CA ASN B 78 -11.41 40.10 2.70
C ASN B 78 -11.51 40.98 3.96
N TYR B 79 -10.95 40.54 5.08
CA TYR B 79 -10.99 41.22 6.40
C TYR B 79 -9.83 42.24 6.46
N THR B 80 -10.08 43.34 7.19
CA THR B 80 -9.00 44.24 7.63
C THR B 80 -8.11 43.53 8.63
N GLU B 81 -6.94 44.10 8.87
CA GLU B 81 -6.01 43.54 9.90
C GLU B 81 -6.74 43.52 11.24
N SER B 82 -7.42 44.58 11.60
CA SER B 82 -8.12 44.71 12.90
C SER B 82 -9.23 43.66 13.02
N GLU B 83 -10.11 43.56 12.02
CA GLU B 83 -11.30 42.69 12.17
C GLU B 83 -10.83 41.24 12.05
N GLY B 84 -9.87 40.96 11.19
CA GLY B 84 -9.31 39.61 11.02
C GLY B 84 -8.64 39.16 12.27
N ASP B 85 -7.91 40.04 12.96
CA ASP B 85 -7.19 39.62 14.18
C ASP B 85 -8.21 39.13 15.20
N ARG B 86 -9.35 39.80 15.31
CA ARG B 86 -10.40 39.44 16.28
C ARG B 86 -11.02 38.09 15.87
N GLU B 87 -11.33 37.89 14.60
CA GLU B 87 -11.98 36.64 14.15
C GLU B 87 -11.00 35.47 14.28
N LEU B 88 -9.71 35.69 14.10
CA LEU B 88 -8.72 34.59 14.22
C LEU B 88 -8.64 34.17 15.69
N ALA B 89 -8.54 35.11 16.61
CA ALA B 89 -8.62 34.82 18.07
C ALA B 89 -9.90 34.05 18.38
N ALA B 90 -11.04 34.43 17.81
CA ALA B 90 -12.35 33.83 18.11
C ALA B 90 -12.37 32.37 17.65
N ALA B 91 -11.87 32.07 16.45
CA ALA B 91 -11.89 30.70 15.94
C ALA B 91 -11.14 29.80 16.91
N TYR B 92 -9.97 30.25 17.38
CA TYR B 92 -9.17 29.40 18.30
C TYR B 92 -9.92 29.26 19.63
N ARG B 93 -10.54 30.30 20.13
CA ARG B 93 -11.33 30.15 21.39
C ARG B 93 -12.40 29.07 21.23
N GLU B 94 -13.10 29.00 20.09
N GLU B 94 -13.05 29.01 20.08
CA GLU B 94 -14.14 27.96 19.85
CA GLU B 94 -14.12 28.01 19.82
C GLU B 94 -13.48 26.57 19.69
C GLU B 94 -13.51 26.60 19.64
N VAL B 95 -12.27 26.51 19.15
CA VAL B 95 -11.52 25.22 19.13
C VAL B 95 -11.29 24.75 20.59
N ALA B 96 -10.84 25.63 21.46
CA ALA B 96 -10.55 25.24 22.87
C ALA B 96 -11.81 24.75 23.56
N LYS B 97 -12.95 25.42 23.35
CA LYS B 97 -14.26 24.96 23.90
C LYS B 97 -14.61 23.56 23.37
N GLU B 98 -14.48 23.31 22.08
CA GLU B 98 -14.84 22.01 21.50
C GLU B 98 -13.91 20.92 22.04
N VAL B 99 -12.61 21.17 22.05
CA VAL B 99 -11.63 20.18 22.57
C VAL B 99 -12.02 19.84 24.02
N THR B 100 -12.35 20.84 24.80
CA THR B 100 -12.78 20.61 26.23
C THR B 100 -14.05 19.76 26.25
N ARG B 101 -15.06 20.14 25.49
CA ARG B 101 -16.39 19.47 25.47
C ARG B 101 -16.21 17.99 25.13
N LEU B 102 -15.36 17.68 24.14
CA LEU B 102 -15.15 16.33 23.58
C LEU B 102 -14.44 15.44 24.61
N GLY B 103 -13.75 16.01 25.60
CA GLY B 103 -13.03 15.23 26.62
C GLY B 103 -11.86 14.47 26.05
N VAL B 104 -11.31 14.90 24.90
CA VAL B 104 -10.13 14.25 24.31
C VAL B 104 -8.90 14.56 25.16
N ASN B 105 -7.92 13.67 25.08
CA ASN B 105 -6.62 13.83 25.73
C ASN B 105 -5.59 14.39 24.75
N SER B 106 -5.92 14.46 23.44
CA SER B 106 -5.00 15.00 22.43
C SER B 106 -5.81 15.57 21.25
N VAL B 107 -5.12 16.43 20.52
CA VAL B 107 -5.68 17.17 19.33
C VAL B 107 -4.52 17.55 18.42
N ALA B 108 -4.76 17.39 17.11
CA ALA B 108 -3.90 17.83 16.00
C ALA B 108 -4.50 19.13 15.46
N ILE B 109 -3.69 20.19 15.38
N ILE B 109 -3.68 20.19 15.41
CA ILE B 109 -4.18 21.54 15.00
CA ILE B 109 -4.12 21.56 15.05
C ILE B 109 -3.23 22.19 14.00
C ILE B 109 -3.21 22.12 13.96
N PRO B 110 -3.74 22.77 12.90
CA PRO B 110 -2.91 23.52 11.98
C PRO B 110 -2.92 25.00 12.37
N LEU B 111 -2.04 25.83 11.79
CA LEU B 111 -2.05 27.28 12.06
C LEU B 111 -3.07 27.95 11.14
N LEU B 112 -4.21 28.33 11.70
CA LEU B 112 -5.31 28.97 10.97
C LEU B 112 -4.84 30.28 10.32
N SER B 113 -5.36 30.52 9.11
CA SER B 113 -5.19 31.76 8.31
C SER B 113 -3.71 31.96 7.85
N THR B 114 -2.91 30.90 7.79
CA THR B 114 -1.48 31.01 7.38
C THR B 114 -1.24 30.61 5.91
N GLY B 115 -2.22 30.03 5.24
CA GLY B 115 -2.03 29.61 3.83
C GLY B 115 -2.75 30.57 2.88
N VAL B 116 -3.69 30.05 2.09
CA VAL B 116 -4.40 30.92 1.11
C VAL B 116 -5.31 31.96 1.81
N TYR B 117 -5.57 31.89 3.12
CA TYR B 117 -6.29 32.97 3.84
C TYR B 117 -5.34 34.02 4.45
N SER B 118 -4.02 33.97 4.18
CA SER B 118 -3.01 34.86 4.82
C SER B 118 -2.99 36.28 4.21
N GLY B 119 -3.64 36.47 3.05
CA GLY B 119 -3.53 37.74 2.32
C GLY B 119 -2.10 38.01 1.88
N GLY B 120 -1.31 36.96 1.63
CA GLY B 120 0.09 37.06 1.19
C GLY B 120 1.06 37.53 2.26
N LYS B 121 0.71 37.46 3.55
CA LYS B 121 1.61 37.86 4.65
C LYS B 121 2.00 36.63 5.46
N ASP B 122 3.19 36.66 6.07
CA ASP B 122 3.71 35.64 7.02
C ASP B 122 2.96 35.84 8.34
N ARG B 123 2.12 34.88 8.73
CA ARG B 123 1.26 35.03 9.95
C ARG B 123 1.60 33.92 10.97
N LEU B 124 2.78 33.31 10.87
CA LEU B 124 3.18 32.25 11.85
C LEU B 124 3.01 32.80 13.27
N THR B 125 3.69 33.89 13.62
CA THR B 125 3.73 34.42 15.01
C THR B 125 2.29 34.81 15.45
N GLN B 126 1.55 35.50 14.59
CA GLN B 126 0.17 35.93 14.89
C GLN B 126 -0.70 34.71 15.20
N SER B 127 -0.69 33.73 14.32
CA SER B 127 -1.62 32.58 14.40
C SER B 127 -1.20 31.73 15.61
N LEU B 128 0.09 31.53 15.83
CA LEU B 128 0.57 30.73 16.97
C LEU B 128 0.20 31.41 18.30
N ASN B 129 0.32 32.74 18.36
N ASN B 129 0.31 32.73 18.36
CA ASN B 129 -0.07 33.57 19.53
CA ASN B 129 -0.04 33.56 19.56
C ASN B 129 -1.50 33.22 19.92
C ASN B 129 -1.49 33.27 19.93
N HIS B 130 -2.42 33.37 18.96
CA HIS B 130 -3.86 33.13 19.21
C HIS B 130 -4.11 31.65 19.55
N LEU B 131 -3.33 30.71 19.01
CA LEU B 131 -3.49 29.26 19.34
C LEU B 131 -3.13 29.09 20.83
N PHE B 132 -1.97 29.57 21.23
CA PHE B 132 -1.55 29.51 22.65
C PHE B 132 -2.57 30.21 23.55
N THR B 133 -3.01 31.42 23.21
CA THR B 133 -3.94 32.17 24.10
C THR B 133 -5.18 31.30 24.39
N ALA B 134 -5.71 30.61 23.40
CA ALA B 134 -6.90 29.76 23.57
C ALA B 134 -6.56 28.41 24.24
N MET B 135 -5.49 27.75 23.84
CA MET B 135 -5.24 26.34 24.19
C MET B 135 -4.47 26.27 25.55
N ASP B 136 -3.90 27.33 26.07
CA ASP B 136 -3.01 27.25 27.26
C ASP B 136 -3.81 26.72 28.45
N SER B 137 -5.09 27.06 28.57
CA SER B 137 -5.94 26.70 29.73
C SER B 137 -6.49 25.27 29.57
N THR B 138 -6.36 24.62 28.40
CA THR B 138 -6.85 23.24 28.19
C THR B 138 -5.75 22.28 28.66
N ASP B 139 -6.14 21.03 28.97
CA ASP B 139 -5.19 20.00 29.42
C ASP B 139 -4.96 18.94 28.36
N ALA B 140 -5.42 19.15 27.12
CA ALA B 140 -5.10 18.18 26.05
C ALA B 140 -3.65 18.34 25.59
N ASP B 141 -3.02 17.23 25.20
CA ASP B 141 -1.78 17.30 24.42
C ASP B 141 -2.12 17.91 23.06
N VAL B 142 -1.45 19.00 22.76
CA VAL B 142 -1.61 19.72 21.46
C VAL B 142 -0.41 19.40 20.56
N VAL B 143 -0.74 18.94 19.35
CA VAL B 143 0.24 18.64 18.28
C VAL B 143 -0.09 19.58 17.11
N ILE B 144 0.82 20.52 16.89
CA ILE B 144 0.73 21.55 15.82
C ILE B 144 1.34 20.95 14.56
N TYR B 145 0.60 20.96 13.44
CA TYR B 145 1.08 20.42 12.14
C TYR B 145 1.48 21.58 11.24
N CYS B 146 2.54 21.36 10.46
CA CYS B 146 3.04 22.32 9.46
C CYS B 146 3.72 21.51 8.35
N ARG B 147 4.06 22.17 7.24
CA ARG B 147 4.68 21.44 6.10
C ARG B 147 6.10 21.93 5.83
N ASP B 148 6.37 23.19 6.14
CA ASP B 148 7.64 23.90 5.79
C ASP B 148 8.67 23.65 6.89
N LYS B 149 9.91 23.31 6.49
CA LYS B 149 11.01 23.03 7.45
C LYS B 149 11.36 24.25 8.31
N GLU B 150 11.34 25.47 7.75
CA GLU B 150 11.69 26.70 8.50
C GLU B 150 10.53 27.11 9.43
N TRP B 151 9.29 26.80 9.04
CA TRP B 151 8.12 26.97 9.97
C TRP B 151 8.26 25.99 11.15
N GLU B 152 8.57 24.72 10.88
CA GLU B 152 8.77 23.70 11.96
C GLU B 152 9.76 24.23 13.00
N LYS B 153 10.92 24.71 12.55
CA LYS B 153 11.99 25.27 13.42
C LYS B 153 11.39 26.38 14.29
N LYS B 154 10.74 27.38 13.70
CA LYS B 154 10.25 28.58 14.44
C LYS B 154 9.13 28.20 15.42
N ILE B 155 8.23 27.31 15.04
CA ILE B 155 7.17 26.80 15.97
C ILE B 155 7.85 26.06 17.13
N SER B 156 8.77 25.16 16.83
CA SER B 156 9.47 24.36 17.87
C SER B 156 10.17 25.33 18.83
N GLU B 157 10.82 26.37 18.31
CA GLU B 157 11.56 27.39 19.11
C GLU B 157 10.59 28.17 20.01
N ALA B 158 9.43 28.55 19.50
CA ALA B 158 8.40 29.26 20.28
C ALA B 158 7.91 28.37 21.44
N ILE B 159 7.71 27.07 21.20
CA ILE B 159 7.20 26.13 22.26
C ILE B 159 8.24 26.04 23.38
N GLN B 160 9.48 25.74 23.00
CA GLN B 160 10.56 25.37 23.96
C GLN B 160 10.90 26.59 24.83
N MET B 161 10.81 27.80 24.26
CA MET B 161 11.17 29.09 24.92
C MET B 161 10.29 29.33 26.16
N ARG B 162 9.03 28.90 26.14
CA ARG B 162 8.06 29.20 27.22
C ARG B 162 8.21 28.27 28.43
N THR B 163 9.02 27.21 28.29
CA THR B 163 9.16 26.09 29.25
C THR B 163 10.52 26.15 29.96
N GLY C 1 25.67 -11.31 -1.78
CA GLY C 1 24.49 -12.13 -1.36
C GLY C 1 24.87 -13.38 -0.61
N ALA C 2 23.93 -13.99 0.11
CA ALA C 2 24.09 -15.29 0.79
C ALA C 2 24.20 -16.38 -0.29
N MET C 3 25.02 -17.41 -0.05
CA MET C 3 25.23 -18.50 -1.06
C MET C 3 23.89 -19.21 -1.37
N ALA C 4 23.01 -19.34 -0.40
CA ALA C 4 21.69 -20.00 -0.51
C ALA C 4 20.69 -19.17 0.29
N PRO C 5 20.24 -18.03 -0.27
CA PRO C 5 19.40 -17.10 0.48
C PRO C 5 18.22 -17.81 1.16
N SER C 6 18.04 -17.57 2.45
CA SER C 6 16.97 -18.22 3.24
C SER C 6 16.11 -17.21 4.01
N TYR C 7 15.03 -17.72 4.55
CA TYR C 7 14.22 -17.08 5.60
C TYR C 7 14.29 -17.91 6.87
N ARG C 8 14.42 -17.24 8.02
CA ARG C 8 14.37 -17.88 9.34
C ARG C 8 13.57 -17.00 10.28
N VAL C 9 13.09 -17.58 11.36
CA VAL C 9 12.41 -16.81 12.43
C VAL C 9 13.07 -17.14 13.76
N LYS C 10 13.18 -16.14 14.61
CA LYS C 10 13.73 -16.23 15.98
C LYS C 10 12.80 -15.51 16.96
N ARG C 11 12.50 -16.18 18.08
CA ARG C 11 11.78 -15.58 19.23
C ARG C 11 12.83 -14.98 20.16
N MET C 12 13.07 -13.67 20.03
CA MET C 12 14.24 -12.99 20.65
C MET C 12 14.19 -11.49 20.34
N ASP C 13 14.80 -10.68 21.20
CA ASP C 13 14.87 -9.22 21.05
C ASP C 13 15.68 -8.89 19.78
N ILE C 14 15.08 -8.19 18.84
CA ILE C 14 15.78 -7.78 17.59
C ILE C 14 17.00 -6.89 17.92
N ALA C 15 17.05 -6.31 19.12
CA ALA C 15 18.16 -5.42 19.53
C ALA C 15 19.43 -6.25 19.77
N LYS C 16 19.28 -7.57 19.88
N LYS C 16 19.30 -7.56 19.90
CA LYS C 16 20.36 -8.55 20.11
CA LYS C 16 20.43 -8.51 20.10
C LYS C 16 20.57 -9.44 18.86
C LYS C 16 20.54 -9.45 18.88
N ASN C 17 20.19 -8.97 17.68
CA ASN C 17 20.27 -9.79 16.46
C ASN C 17 21.73 -10.13 16.10
N ASP C 18 21.86 -11.16 15.29
CA ASP C 18 23.13 -11.68 14.73
C ASP C 18 23.28 -11.42 13.24
N GLU C 19 22.67 -10.38 12.69
CA GLU C 19 22.72 -10.06 11.26
C GLU C 19 23.50 -8.78 10.99
N GLU C 20 23.77 -8.52 9.74
CA GLU C 20 24.65 -7.41 9.28
C GLU C 20 23.92 -6.05 9.34
N CYS C 21 22.60 -6.04 9.50
CA CYS C 21 21.83 -4.79 9.62
C CYS C 21 20.47 -5.06 10.24
N VAL C 22 19.80 -4.00 10.68
CA VAL C 22 18.50 -4.16 11.40
C VAL C 22 17.47 -3.26 10.73
N VAL C 23 16.22 -3.74 10.70
CA VAL C 23 15.05 -2.89 10.32
C VAL C 23 14.36 -2.50 11.60
N ASN C 24 14.18 -1.18 11.75
CA ASN C 24 13.44 -0.58 12.89
C ASN C 24 11.97 -0.38 12.44
N ALA C 25 11.05 -0.76 13.30
CA ALA C 25 9.60 -0.41 13.11
C ALA C 25 9.41 1.04 13.59
N ALA C 26 9.82 1.96 12.73
CA ALA C 26 9.99 3.41 12.99
C ALA C 26 8.65 4.17 12.95
N ASN C 27 8.67 5.41 13.44
CA ASN C 27 7.54 6.37 13.31
C ASN C 27 7.99 7.49 12.37
N PRO C 28 7.06 8.22 11.72
CA PRO C 28 7.43 9.21 10.71
C PRO C 28 8.36 10.38 11.11
N ARG C 29 8.41 10.73 12.39
CA ARG C 29 9.23 11.90 12.82
C ARG C 29 10.47 11.41 13.58
N GLY C 30 10.78 10.12 13.49
CA GLY C 30 12.10 9.60 13.92
C GLY C 30 12.30 9.72 15.41
N LEU C 31 11.23 9.58 16.17
CA LEU C 31 11.20 9.62 17.65
C LEU C 31 11.47 8.24 18.22
N PRO C 32 11.91 8.17 19.49
CA PRO C 32 12.11 6.90 20.19
C PRO C 32 10.89 5.98 20.19
N GLY C 33 9.67 6.52 20.15
CA GLY C 33 8.45 5.70 19.99
C GLY C 33 8.34 4.67 21.12
N ASP C 34 7.71 3.53 20.86
CA ASP C 34 7.50 2.43 21.84
C ASP C 34 7.72 1.07 21.17
N GLY C 35 7.64 -0.01 21.95
CA GLY C 35 7.79 -1.39 21.42
C GLY C 35 9.16 -1.59 20.80
N VAL C 36 9.23 -2.16 19.59
CA VAL C 36 10.55 -2.48 18.96
C VAL C 36 11.31 -1.18 18.72
N CYS C 37 10.62 -0.11 18.32
CA CYS C 37 11.24 1.22 18.01
C CYS C 37 12.03 1.74 19.22
N LYS C 38 11.53 1.53 20.43
CA LYS C 38 12.16 2.01 21.69
C LYS C 38 13.41 1.16 22.03
N ALA C 39 13.33 -0.18 21.95
CA ALA C 39 14.47 -1.12 22.14
C ALA C 39 15.60 -0.81 21.14
N VAL C 40 15.23 -0.48 19.90
CA VAL C 40 16.15 -0.08 18.80
C VAL C 40 16.81 1.25 19.23
N TYR C 41 16.02 2.20 19.71
CA TYR C 41 16.53 3.50 20.22
C TYR C 41 17.55 3.28 21.34
N LYS C 42 17.32 2.35 22.27
CA LYS C 42 18.23 2.15 23.43
C LYS C 42 19.54 1.55 22.93
N LYS C 43 19.49 0.61 21.96
CA LYS C 43 20.69 -0.05 21.37
C LYS C 43 21.45 0.87 20.39
N TRP C 44 20.77 1.61 19.51
CA TRP C 44 21.39 2.36 18.40
C TRP C 44 20.91 3.82 18.35
N PRO C 45 21.04 4.58 19.46
CA PRO C 45 20.47 5.93 19.52
C PRO C 45 21.03 6.86 18.43
N GLU C 46 22.31 6.72 18.09
CA GLU C 46 22.96 7.56 17.05
C GLU C 46 22.26 7.40 15.70
N SER C 47 21.58 6.26 15.45
CA SER C 47 20.86 6.02 14.16
C SER C 47 19.61 6.89 14.01
N PHE C 48 19.21 7.62 15.05
CA PHE C 48 17.96 8.46 15.04
C PHE C 48 18.26 9.92 14.65
N LYS C 49 19.49 10.22 14.26
CA LYS C 49 19.88 11.54 13.71
C LYS C 49 19.28 11.69 12.29
N ASN C 50 18.29 12.58 12.12
CA ASN C 50 17.65 12.89 10.83
C ASN C 50 17.11 11.60 10.18
N SER C 51 16.45 10.79 11.00
CA SER C 51 15.83 9.51 10.55
C SER C 51 14.37 9.70 10.14
N ALA C 52 13.79 10.88 10.32
CA ALA C 52 12.39 11.14 9.89
C ALA C 52 12.18 10.70 8.45
N THR C 53 11.08 9.98 8.17
CA THR C 53 10.74 9.58 6.79
C THR C 53 9.23 9.30 6.75
N PRO C 54 8.54 9.56 5.63
CA PRO C 54 7.08 9.39 5.61
C PRO C 54 6.61 7.93 5.77
N VAL C 55 5.38 7.77 6.24
CA VAL C 55 4.63 6.47 6.18
C VAL C 55 4.83 5.89 4.78
N GLY C 56 5.13 4.57 4.72
CA GLY C 56 5.32 3.86 3.43
C GLY C 56 6.72 3.90 2.87
N THR C 57 7.66 4.47 3.62
CA THR C 57 9.06 4.64 3.18
C THR C 57 10.01 4.04 4.21
N ALA C 58 11.28 3.96 3.78
CA ALA C 58 12.37 3.53 4.67
C ALA C 58 13.57 4.46 4.46
N LYS C 59 14.26 4.76 5.55
CA LYS C 59 15.49 5.59 5.53
C LYS C 59 16.57 4.91 6.38
N THR C 60 17.76 4.78 5.81
CA THR C 60 18.88 4.13 6.53
C THR C 60 19.78 5.19 7.19
N VAL C 61 20.03 4.99 8.46
CA VAL C 61 21.05 5.79 9.20
C VAL C 61 22.04 4.84 9.86
N MET C 62 23.33 5.16 9.77
CA MET C 62 24.38 4.32 10.40
C MET C 62 24.49 4.61 11.89
N CYS C 63 24.75 3.59 12.66
CA CYS C 63 25.19 3.68 14.06
C CYS C 63 26.61 3.13 14.08
N GLY C 64 27.62 4.02 14.04
CA GLY C 64 28.98 3.62 13.64
C GLY C 64 29.01 3.16 12.21
N THR C 65 29.27 1.88 11.94
CA THR C 65 29.15 1.31 10.58
C THR C 65 27.93 0.36 10.48
N TYR C 66 27.13 0.23 11.55
CA TYR C 66 26.03 -0.76 11.62
C TYR C 66 24.75 -0.10 11.07
N PRO C 67 24.19 -0.55 9.91
CA PRO C 67 23.05 0.14 9.33
C PRO C 67 21.75 -0.19 10.08
N VAL C 68 20.99 0.87 10.35
CA VAL C 68 19.61 0.78 10.90
C VAL C 68 18.68 1.33 9.82
N ILE C 69 17.84 0.44 9.25
CA ILE C 69 16.86 0.79 8.20
C ILE C 69 15.55 1.14 8.91
N HIS C 70 15.24 2.45 9.00
CA HIS C 70 14.01 2.93 9.68
C HIS C 70 12.82 2.81 8.70
N ALA C 71 11.96 1.81 8.95
CA ALA C 71 10.82 1.49 8.05
C ALA C 71 9.52 1.89 8.74
N VAL C 72 8.78 2.80 8.06
CA VAL C 72 7.56 3.38 8.68
C VAL C 72 6.33 2.71 8.04
N GLY C 73 5.79 1.72 8.73
CA GLY C 73 4.50 1.11 8.37
C GLY C 73 3.39 2.05 8.79
N PRO C 74 2.18 1.86 8.24
CA PRO C 74 1.04 2.63 8.71
C PRO C 74 0.58 2.19 10.09
N ASN C 75 0.02 3.13 10.84
CA ASN C 75 -0.68 2.84 12.10
C ASN C 75 -2.15 2.62 11.74
N PHE C 76 -2.63 1.40 11.86
CA PHE C 76 -4.03 1.06 11.45
C PHE C 76 -5.09 1.65 12.38
N SER C 77 -4.73 2.27 13.51
CA SER C 77 -5.69 3.07 14.31
C SER C 77 -6.09 4.33 13.52
N ASN C 78 -5.24 4.77 12.59
CA ASN C 78 -5.44 6.04 11.82
C ASN C 78 -5.60 5.79 10.33
N TYR C 79 -5.37 4.59 9.84
CA TYR C 79 -5.49 4.30 8.39
C TYR C 79 -6.66 3.35 8.18
N THR C 80 -7.39 3.48 7.08
CA THR C 80 -8.40 2.47 6.69
C THR C 80 -7.69 1.16 6.34
N GLU C 81 -8.43 0.06 6.29
CA GLU C 81 -7.84 -1.21 5.82
C GLU C 81 -7.29 -1.05 4.40
N SER C 82 -8.04 -0.38 3.51
CA SER C 82 -7.57 -0.19 2.13
C SER C 82 -6.28 0.64 2.06
N GLU C 83 -6.27 1.85 2.65
CA GLU C 83 -5.12 2.75 2.51
C GLU C 83 -3.92 2.13 3.23
N GLY C 84 -4.16 1.53 4.39
CA GLY C 84 -3.06 0.95 5.19
C GLY C 84 -2.42 -0.22 4.48
N ASP C 85 -3.22 -1.04 3.77
CA ASP C 85 -2.67 -2.24 3.10
C ASP C 85 -1.66 -1.76 2.06
N ARG C 86 -1.98 -0.70 1.31
CA ARG C 86 -1.06 -0.19 0.27
C ARG C 86 0.22 0.38 0.93
N GLU C 87 0.12 1.10 2.03
CA GLU C 87 1.31 1.75 2.66
C GLU C 87 2.19 0.66 3.29
N LEU C 88 1.60 -0.38 3.83
CA LEU C 88 2.37 -1.51 4.46
C LEU C 88 3.18 -2.18 3.37
N ALA C 89 2.57 -2.51 2.22
CA ALA C 89 3.29 -3.11 1.08
C ALA C 89 4.45 -2.20 0.65
N ALA C 90 4.24 -0.88 0.61
CA ALA C 90 5.23 0.07 0.09
C ALA C 90 6.42 0.15 1.08
N ALA C 91 6.17 0.15 2.38
CA ALA C 91 7.20 0.19 3.44
C ALA C 91 8.13 -1.01 3.25
N TYR C 92 7.58 -2.21 3.04
CA TYR C 92 8.44 -3.38 2.78
C TYR C 92 9.24 -3.29 1.47
N ARG C 93 8.63 -2.79 0.39
N ARG C 93 8.64 -2.77 0.40
CA ARG C 93 9.33 -2.57 -0.90
CA ARG C 93 9.34 -2.60 -0.90
C ARG C 93 10.56 -1.68 -0.65
C ARG C 93 10.52 -1.62 -0.72
N GLU C 94 10.37 -0.62 0.15
CA GLU C 94 11.49 0.32 0.46
C GLU C 94 12.54 -0.41 1.32
N VAL C 95 12.16 -1.34 2.18
CA VAL C 95 13.17 -2.12 2.97
C VAL C 95 14.00 -2.94 1.98
N ALA C 96 13.37 -3.54 0.97
CA ALA C 96 14.07 -4.39 -0.01
C ALA C 96 15.09 -3.57 -0.80
N LYS C 97 14.70 -2.35 -1.20
CA LYS C 97 15.62 -1.41 -1.87
C LYS C 97 16.79 -1.07 -0.93
N GLU C 98 16.54 -0.73 0.33
CA GLU C 98 17.61 -0.35 1.29
C GLU C 98 18.56 -1.52 1.53
N VAL C 99 18.04 -2.72 1.76
CA VAL C 99 18.93 -3.91 1.97
C VAL C 99 19.79 -4.13 0.74
N THR C 100 19.24 -4.02 -0.47
CA THR C 100 19.97 -4.25 -1.74
C THR C 100 21.08 -3.19 -1.83
N ARG C 101 20.69 -1.94 -1.59
CA ARG C 101 21.63 -0.79 -1.74
C ARG C 101 22.84 -1.00 -0.82
N LEU C 102 22.63 -1.51 0.39
CA LEU C 102 23.71 -1.65 1.40
C LEU C 102 24.66 -2.79 1.03
N GLY C 103 24.24 -3.78 0.21
CA GLY C 103 25.12 -4.89 -0.17
C GLY C 103 25.25 -5.93 0.93
N VAL C 104 24.41 -5.89 1.96
CA VAL C 104 24.47 -6.80 3.14
C VAL C 104 24.12 -8.24 2.74
N ASN C 105 24.65 -9.23 3.47
CA ASN C 105 24.32 -10.65 3.21
C ASN C 105 23.22 -11.12 4.14
N SER C 106 22.82 -10.31 5.11
CA SER C 106 21.76 -10.67 6.08
C SER C 106 21.12 -9.42 6.65
N VAL C 107 19.89 -9.61 7.13
CA VAL C 107 19.05 -8.53 7.71
C VAL C 107 18.13 -9.13 8.75
N ALA C 108 17.98 -8.44 9.88
CA ALA C 108 17.02 -8.69 10.97
C ALA C 108 15.81 -7.79 10.79
N ILE C 109 14.63 -8.39 10.70
N ILE C 109 14.62 -8.38 10.80
CA ILE C 109 13.37 -7.65 10.36
CA ILE C 109 13.39 -7.63 10.43
C ILE C 109 12.27 -8.02 11.34
C ILE C 109 12.26 -8.02 11.35
N PRO C 110 11.51 -7.01 11.85
CA PRO C 110 10.30 -7.26 12.60
C PRO C 110 9.10 -7.23 11.65
N LEU C 111 7.96 -7.75 12.09
CA LEU C 111 6.71 -7.65 11.29
C LEU C 111 6.13 -6.24 11.51
N LEU C 112 6.16 -5.45 10.46
CA LEU C 112 5.68 -4.07 10.48
C LEU C 112 4.16 -4.05 10.72
N SER C 113 3.72 -2.98 11.39
CA SER C 113 2.32 -2.66 11.70
C SER C 113 1.68 -3.77 12.54
N THR C 114 2.39 -4.51 13.42
CA THR C 114 1.75 -5.60 14.20
C THR C 114 1.64 -5.41 15.72
N GLY C 115 2.21 -4.36 16.27
CA GLY C 115 2.09 -4.08 17.72
C GLY C 115 1.19 -2.87 17.92
N VAL C 116 1.77 -1.78 18.44
CA VAL C 116 1.08 -0.47 18.66
C VAL C 116 0.32 -0.08 17.38
N TYR C 117 0.90 -0.39 16.21
CA TYR C 117 0.38 0.10 14.90
C TYR C 117 -0.67 -0.88 14.36
N SER C 118 -1.04 -1.93 15.08
CA SER C 118 -1.96 -2.97 14.53
C SER C 118 -3.42 -2.50 14.50
N GLY C 119 -3.76 -1.42 15.20
CA GLY C 119 -5.17 -1.00 15.37
C GLY C 119 -6.00 -2.06 16.09
N GLY C 120 -5.34 -2.91 16.89
CA GLY C 120 -5.99 -3.98 17.68
C GLY C 120 -6.36 -5.21 16.88
N LYS C 121 -5.85 -5.40 15.66
CA LYS C 121 -6.14 -6.60 14.82
C LYS C 121 -4.89 -7.49 14.73
N ASP C 122 -5.09 -8.80 14.58
CA ASP C 122 -4.02 -9.78 14.28
C ASP C 122 -3.57 -9.56 12.84
N ARG C 123 -2.35 -9.05 12.60
CA ARG C 123 -1.82 -8.78 11.24
C ARG C 123 -0.63 -9.67 10.87
N LEU C 124 -0.46 -10.85 11.52
CA LEU C 124 0.70 -11.72 11.21
C LEU C 124 0.72 -12.10 9.73
N THR C 125 -0.35 -12.70 9.22
CA THR C 125 -0.40 -13.15 7.81
C THR C 125 -0.27 -11.97 6.85
N GLN C 126 -0.99 -10.90 7.09
CA GLN C 126 -0.93 -9.70 6.21
C GLN C 126 0.50 -9.17 6.14
N SER C 127 1.08 -8.91 7.30
CA SER C 127 2.44 -8.32 7.38
C SER C 127 3.46 -9.27 6.74
N LEU C 128 3.40 -10.57 7.08
CA LEU C 128 4.37 -11.54 6.52
C LEU C 128 4.20 -11.69 5.02
N ASN C 129 2.96 -11.67 4.51
CA ASN C 129 2.73 -11.73 3.05
C ASN C 129 3.45 -10.55 2.38
N HIS C 130 3.30 -9.33 2.90
CA HIS C 130 3.94 -8.17 2.26
C HIS C 130 5.47 -8.29 2.39
N LEU C 131 5.96 -8.82 3.52
CA LEU C 131 7.43 -9.05 3.68
C LEU C 131 7.98 -9.95 2.58
N PHE C 132 7.33 -11.10 2.35
CA PHE C 132 7.74 -12.07 1.30
C PHE C 132 7.65 -11.41 -0.07
N THR C 133 6.56 -10.67 -0.36
CA THR C 133 6.38 -10.07 -1.70
C THR C 133 7.59 -9.16 -2.03
N ALA C 134 8.10 -8.41 -1.04
CA ALA C 134 9.23 -7.46 -1.22
C ALA C 134 10.59 -8.17 -1.18
N MET C 135 10.75 -9.12 -0.25
CA MET C 135 12.08 -9.72 0.06
C MET C 135 12.38 -10.95 -0.84
N ASP C 136 11.39 -11.55 -1.49
CA ASP C 136 11.68 -12.80 -2.25
C ASP C 136 12.71 -12.55 -3.34
N SER C 137 12.75 -11.37 -3.98
CA SER C 137 13.71 -11.08 -5.07
C SER C 137 15.07 -10.61 -4.55
N THR C 138 15.25 -10.48 -3.23
CA THR C 138 16.59 -10.18 -2.63
C THR C 138 17.35 -11.46 -2.34
N ASP C 139 18.70 -11.35 -2.24
CA ASP C 139 19.59 -12.51 -1.99
C ASP C 139 20.14 -12.44 -0.57
N ALA C 140 19.66 -11.54 0.27
CA ALA C 140 20.06 -11.49 1.69
C ALA C 140 19.41 -12.62 2.47
N ASP C 141 20.13 -13.20 3.44
CA ASP C 141 19.48 -14.04 4.46
C ASP C 141 18.54 -13.15 5.29
N VAL C 142 17.27 -13.51 5.42
CA VAL C 142 16.28 -12.70 6.17
C VAL C 142 15.97 -13.44 7.45
N VAL C 143 16.13 -12.80 8.59
CA VAL C 143 15.80 -13.34 9.93
C VAL C 143 14.71 -12.49 10.56
N ILE C 144 13.53 -13.07 10.73
CA ILE C 144 12.35 -12.37 11.30
C ILE C 144 12.36 -12.57 12.81
N TYR C 145 12.26 -11.47 13.55
CA TYR C 145 12.28 -11.47 15.04
C TYR C 145 10.86 -11.30 15.57
N CYS C 146 10.45 -12.15 16.51
CA CYS C 146 9.15 -12.04 17.20
C CYS C 146 9.35 -12.25 18.71
N ARG C 147 8.30 -12.02 19.49
CA ARG C 147 8.32 -12.04 20.99
C ARG C 147 7.53 -13.23 21.55
N ASP C 148 6.55 -13.77 20.80
CA ASP C 148 5.49 -14.65 21.35
C ASP C 148 5.53 -16.02 20.67
N LYS C 149 5.30 -17.09 21.43
CA LYS C 149 5.54 -18.49 21.02
C LYS C 149 4.59 -18.89 19.87
N GLU C 150 3.34 -18.42 19.90
CA GLU C 150 2.32 -18.79 18.88
C GLU C 150 2.68 -18.10 17.55
N TRP C 151 3.15 -16.85 17.61
CA TRP C 151 3.62 -16.09 16.42
C TRP C 151 4.84 -16.80 15.83
N GLU C 152 5.80 -17.20 16.67
CA GLU C 152 6.97 -17.96 16.19
C GLU C 152 6.50 -19.18 15.40
N LYS C 153 5.53 -19.91 15.98
CA LYS C 153 4.95 -21.14 15.39
C LYS C 153 4.37 -20.83 14.00
N LYS C 154 3.44 -19.87 13.93
CA LYS C 154 2.73 -19.50 12.66
C LYS C 154 3.75 -19.03 11.62
N ILE C 155 4.71 -18.20 12.01
CA ILE C 155 5.75 -17.68 11.04
C ILE C 155 6.60 -18.86 10.53
N SER C 156 7.05 -19.72 11.42
CA SER C 156 7.83 -20.92 11.02
C SER C 156 7.05 -21.77 10.02
N GLU C 157 5.76 -22.02 10.26
CA GLU C 157 4.88 -22.83 9.36
C GLU C 157 4.84 -22.19 7.98
N ALA C 158 4.68 -20.87 7.92
CA ALA C 158 4.54 -20.14 6.64
C ALA C 158 5.83 -20.25 5.84
N ILE C 159 6.98 -20.15 6.49
CA ILE C 159 8.31 -20.22 5.82
C ILE C 159 8.46 -21.64 5.26
N GLN C 160 8.18 -22.63 6.09
CA GLN C 160 8.41 -24.06 5.73
C GLN C 160 7.50 -24.50 4.57
N MET C 161 6.27 -23.98 4.53
CA MET C 161 5.25 -24.30 3.49
C MET C 161 5.79 -24.07 2.08
N ARG C 162 6.78 -23.18 1.90
CA ARG C 162 7.26 -22.73 0.55
C ARG C 162 8.59 -23.39 0.18
N THR C 163 9.18 -24.22 1.06
CA THR C 163 10.55 -24.79 0.88
C THR C 163 10.47 -26.05 0.00
N PRO D 5 29.35 -18.72 -32.12
CA PRO D 5 27.97 -19.18 -31.91
C PRO D 5 26.99 -18.65 -32.95
N SER D 6 25.79 -19.24 -33.02
N SER D 6 25.79 -19.25 -33.04
CA SER D 6 24.65 -18.82 -33.87
CA SER D 6 24.65 -18.82 -33.87
C SER D 6 23.49 -18.38 -32.98
C SER D 6 23.51 -18.34 -32.97
N TYR D 7 22.67 -17.43 -33.46
CA TYR D 7 21.52 -16.87 -32.70
C TYR D 7 20.26 -16.98 -33.54
N ARG D 8 19.20 -17.50 -32.92
CA ARG D 8 17.81 -17.47 -33.43
C ARG D 8 16.87 -16.99 -32.34
N VAL D 9 15.66 -16.58 -32.75
CA VAL D 9 14.57 -16.19 -31.82
C VAL D 9 13.34 -17.04 -32.15
N LYS D 10 12.61 -17.46 -31.13
CA LYS D 10 11.32 -18.18 -31.24
C LYS D 10 10.32 -17.51 -30.29
N ARG D 11 9.11 -17.31 -30.75
CA ARG D 11 7.98 -16.79 -29.96
C ARG D 11 7.17 -17.99 -29.51
N MET D 12 7.56 -18.57 -28.37
CA MET D 12 6.91 -19.78 -27.81
C MET D 12 7.38 -19.97 -26.36
N ASP D 13 6.68 -20.84 -25.62
CA ASP D 13 6.96 -21.12 -24.21
C ASP D 13 8.31 -21.84 -24.12
N ILE D 14 9.28 -21.25 -23.41
CA ILE D 14 10.64 -21.85 -23.27
C ILE D 14 10.56 -23.22 -22.60
N ALA D 15 9.47 -23.52 -21.89
CA ALA D 15 9.26 -24.84 -21.25
C ALA D 15 9.07 -25.91 -22.34
N LYS D 16 8.84 -25.51 -23.59
CA LYS D 16 8.68 -26.46 -24.74
C LYS D 16 9.82 -26.29 -25.74
N ASN D 17 11.01 -25.90 -25.30
CA ASN D 17 12.17 -25.63 -26.19
C ASN D 17 12.65 -26.92 -26.87
N ASP D 18 13.38 -26.76 -27.98
CA ASP D 18 13.95 -27.86 -28.78
C ASP D 18 15.47 -27.87 -28.64
N GLU D 19 16.02 -27.44 -27.50
CA GLU D 19 17.46 -27.34 -27.30
C GLU D 19 17.97 -28.30 -26.20
N GLU D 20 19.28 -28.43 -26.08
CA GLU D 20 19.91 -29.47 -25.21
C GLU D 20 19.87 -29.05 -23.73
N CYS D 21 19.59 -27.78 -23.42
CA CYS D 21 19.52 -27.30 -22.03
C CYS D 21 18.72 -25.99 -22.02
N VAL D 22 18.29 -25.58 -20.84
CA VAL D 22 17.44 -24.37 -20.69
C VAL D 22 18.04 -23.48 -19.61
N VAL D 23 17.89 -22.17 -19.84
CA VAL D 23 18.21 -21.17 -18.79
C VAL D 23 16.91 -20.71 -18.16
N ASN D 24 16.82 -20.83 -16.84
CA ASN D 24 15.69 -20.33 -16.06
C ASN D 24 15.96 -18.87 -15.71
N ALA D 25 14.95 -18.01 -15.85
CA ALA D 25 14.93 -16.65 -15.23
C ALA D 25 14.53 -16.82 -13.76
N ALA D 26 15.51 -17.20 -12.95
CA ALA D 26 15.29 -17.66 -11.57
C ALA D 26 15.21 -16.48 -10.59
N ASN D 27 14.66 -16.75 -9.42
CA ASN D 27 14.80 -15.87 -8.24
C ASN D 27 15.92 -16.41 -7.36
N PRO D 28 16.47 -15.59 -6.46
CA PRO D 28 17.60 -16.06 -5.68
C PRO D 28 17.27 -17.19 -4.70
N ARG D 29 16.00 -17.38 -4.37
CA ARG D 29 15.59 -18.30 -3.25
C ARG D 29 15.22 -19.68 -3.79
N GLY D 30 15.26 -19.87 -5.12
CA GLY D 30 14.79 -21.11 -5.75
C GLY D 30 13.32 -21.36 -5.49
N LEU D 31 12.47 -20.33 -5.41
CA LEU D 31 11.00 -20.47 -5.31
C LEU D 31 10.43 -20.68 -6.71
N PRO D 32 9.22 -21.26 -6.80
CA PRO D 32 8.50 -21.38 -8.08
C PRO D 32 8.27 -20.10 -8.87
N GLY D 33 7.97 -19.01 -8.18
CA GLY D 33 7.87 -17.66 -8.81
C GLY D 33 6.67 -17.52 -9.72
N ASP D 34 6.82 -16.73 -10.78
CA ASP D 34 5.78 -16.49 -11.81
C ASP D 34 6.47 -16.39 -13.18
N GLY D 35 5.70 -16.16 -14.24
CA GLY D 35 6.27 -16.04 -15.60
C GLY D 35 7.08 -17.27 -16.01
N VAL D 36 8.22 -17.02 -16.66
CA VAL D 36 9.14 -18.09 -17.16
C VAL D 36 9.46 -19.01 -15.97
N CYS D 37 9.71 -18.45 -14.79
CA CYS D 37 10.21 -19.25 -13.65
C CYS D 37 9.16 -20.30 -13.28
N LYS D 38 7.87 -19.92 -13.27
CA LYS D 38 6.78 -20.86 -12.87
C LYS D 38 6.59 -21.94 -13.96
N ALA D 39 6.70 -21.58 -15.24
CA ALA D 39 6.61 -22.57 -16.36
C ALA D 39 7.77 -23.57 -16.26
N VAL D 40 8.96 -23.10 -15.87
CA VAL D 40 10.18 -23.93 -15.67
C VAL D 40 9.90 -24.84 -14.47
N TYR D 41 9.28 -24.32 -13.40
CA TYR D 41 8.96 -25.14 -12.20
C TYR D 41 7.96 -26.26 -12.56
N LYS D 42 6.98 -25.95 -13.40
CA LYS D 42 5.92 -26.93 -13.77
C LYS D 42 6.50 -28.03 -14.67
N LYS D 43 7.48 -27.71 -15.52
CA LYS D 43 8.08 -28.67 -16.48
C LYS D 43 9.21 -29.49 -15.85
N TRP D 44 10.09 -28.86 -15.04
CA TRP D 44 11.31 -29.48 -14.49
C TRP D 44 11.40 -29.26 -12.98
N PRO D 45 10.37 -29.65 -12.18
CA PRO D 45 10.35 -29.30 -10.75
C PRO D 45 11.57 -29.87 -10.01
N GLU D 46 12.09 -31.03 -10.44
CA GLU D 46 13.21 -31.69 -9.75
C GLU D 46 14.45 -30.78 -9.81
N SER D 47 14.50 -29.87 -10.79
CA SER D 47 15.69 -29.00 -10.96
C SER D 47 15.71 -27.88 -9.90
N PHE D 48 14.67 -27.76 -9.08
CA PHE D 48 14.67 -26.73 -7.99
C PHE D 48 15.25 -27.24 -6.66
N LYS D 49 15.79 -28.47 -6.64
CA LYS D 49 16.53 -28.99 -5.45
C LYS D 49 17.79 -28.13 -5.31
N ASN D 50 17.89 -27.39 -4.19
CA ASN D 50 19.08 -26.58 -3.86
C ASN D 50 19.46 -25.72 -5.07
N SER D 51 18.48 -25.06 -5.69
CA SER D 51 18.74 -24.13 -6.84
C SER D 51 18.99 -22.70 -6.37
N ALA D 52 18.73 -22.39 -5.12
CA ALA D 52 18.93 -21.04 -4.57
C ALA D 52 20.39 -20.61 -4.84
N THR D 53 20.59 -19.36 -5.27
CA THR D 53 21.92 -18.83 -5.65
C THR D 53 21.79 -17.31 -5.65
N PRO D 54 22.89 -16.58 -5.42
CA PRO D 54 22.78 -15.13 -5.35
C PRO D 54 22.53 -14.45 -6.70
N VAL D 55 22.07 -13.19 -6.60
CA VAL D 55 21.95 -12.30 -7.77
C VAL D 55 23.28 -12.28 -8.52
N GLY D 56 23.23 -12.29 -9.83
CA GLY D 56 24.42 -12.23 -10.71
C GLY D 56 25.14 -13.55 -10.85
N THR D 57 24.54 -14.66 -10.39
CA THR D 57 25.09 -16.03 -10.52
C THR D 57 24.18 -16.96 -11.30
N ALA D 58 24.78 -18.07 -11.75
CA ALA D 58 24.03 -19.18 -12.37
C ALA D 58 24.36 -20.50 -11.64
N LYS D 59 23.35 -21.32 -11.38
CA LYS D 59 23.53 -22.63 -10.73
C LYS D 59 22.77 -23.67 -11.55
N THR D 60 23.49 -24.70 -11.98
CA THR D 60 22.91 -25.74 -12.87
C THR D 60 22.44 -26.91 -12.00
N VAL D 61 21.19 -27.31 -12.18
CA VAL D 61 20.61 -28.52 -11.54
C VAL D 61 19.99 -29.36 -12.63
N MET D 62 20.31 -30.66 -12.63
CA MET D 62 19.75 -31.62 -13.60
C MET D 62 18.30 -31.99 -13.25
N CYS D 63 17.50 -32.15 -14.28
CA CYS D 63 16.19 -32.80 -14.21
C CYS D 63 16.29 -34.06 -15.08
N GLY D 64 16.52 -35.21 -14.45
CA GLY D 64 16.98 -36.39 -15.24
C GLY D 64 18.40 -36.12 -15.70
N THR D 65 18.61 -36.10 -17.03
CA THR D 65 19.89 -35.69 -17.63
C THR D 65 19.75 -34.34 -18.32
N TYR D 66 18.62 -33.66 -18.20
CA TYR D 66 18.38 -32.35 -18.86
C TYR D 66 18.83 -31.21 -17.92
N PRO D 67 19.84 -30.41 -18.32
CA PRO D 67 20.36 -29.35 -17.44
C PRO D 67 19.46 -28.11 -17.45
N VAL D 68 19.15 -27.64 -16.25
CA VAL D 68 18.40 -26.37 -16.03
C VAL D 68 19.42 -25.41 -15.37
N ILE D 69 19.77 -24.35 -16.09
CA ILE D 69 20.79 -23.36 -15.64
C ILE D 69 19.97 -22.25 -14.99
N HIS D 70 19.86 -22.21 -13.67
CA HIS D 70 19.10 -21.15 -12.95
C HIS D 70 19.96 -19.88 -12.93
N ALA D 71 19.55 -18.85 -13.66
CA ALA D 71 20.33 -17.59 -13.77
C ALA D 71 19.55 -16.48 -13.08
N VAL D 72 20.16 -15.85 -12.08
CA VAL D 72 19.45 -14.83 -11.26
C VAL D 72 19.85 -13.42 -11.72
N GLY D 73 19.00 -12.83 -12.56
CA GLY D 73 19.15 -11.41 -12.94
C GLY D 73 18.72 -10.54 -11.77
N PRO D 74 19.15 -9.26 -11.77
CA PRO D 74 18.74 -8.34 -10.74
C PRO D 74 17.29 -7.86 -10.91
N ASN D 75 16.60 -7.65 -9.79
CA ASN D 75 15.29 -6.95 -9.78
C ASN D 75 15.55 -5.44 -9.76
N PHE D 76 15.29 -4.78 -10.90
CA PHE D 76 15.51 -3.30 -11.00
C PHE D 76 14.53 -2.50 -10.13
N SER D 77 13.51 -3.10 -9.54
CA SER D 77 12.78 -2.45 -8.42
C SER D 77 13.68 -2.25 -7.20
N ASN D 78 14.71 -3.07 -7.01
CA ASN D 78 15.57 -3.03 -5.79
C ASN D 78 16.93 -2.36 -6.11
N TYR D 79 17.52 -2.66 -7.27
CA TYR D 79 18.87 -2.25 -7.70
C TYR D 79 18.73 -0.87 -8.37
N THR D 80 19.73 -0.04 -8.18
CA THR D 80 20.00 1.13 -9.05
C THR D 80 20.28 0.71 -10.49
N GLU D 81 20.08 1.64 -11.44
CA GLU D 81 20.47 1.34 -12.83
C GLU D 81 21.92 0.90 -12.90
N SER D 82 22.82 1.59 -12.18
CA SER D 82 24.28 1.31 -12.21
C SER D 82 24.54 -0.11 -11.70
N GLU D 83 24.07 -0.42 -10.51
CA GLU D 83 24.47 -1.68 -9.83
C GLU D 83 23.76 -2.83 -10.56
N GLY D 84 22.53 -2.62 -10.99
CA GLY D 84 21.76 -3.64 -11.73
C GLY D 84 22.38 -3.95 -13.06
N ASP D 85 22.89 -2.95 -13.77
CA ASP D 85 23.57 -3.21 -15.06
C ASP D 85 24.73 -4.19 -14.87
N ARG D 86 25.54 -4.04 -13.81
CA ARG D 86 26.71 -4.90 -13.50
C ARG D 86 26.18 -6.32 -13.22
N GLU D 87 25.12 -6.44 -12.43
CA GLU D 87 24.61 -7.77 -12.01
C GLU D 87 23.96 -8.48 -13.22
N LEU D 88 23.35 -7.77 -14.15
CA LEU D 88 22.75 -8.38 -15.36
C LEU D 88 23.88 -8.90 -16.22
N ALA D 89 24.93 -8.11 -16.44
CA ALA D 89 26.14 -8.58 -17.15
C ALA D 89 26.67 -9.86 -16.49
N ALA D 90 26.78 -9.86 -15.16
CA ALA D 90 27.39 -11.00 -14.43
C ALA D 90 26.55 -12.28 -14.62
N ALA D 91 25.23 -12.16 -14.54
CA ALA D 91 24.33 -13.33 -14.66
C ALA D 91 24.55 -14.00 -16.03
N TYR D 92 24.60 -13.22 -17.10
CA TYR D 92 24.83 -13.77 -18.45
C TYR D 92 26.26 -14.34 -18.57
N ARG D 93 27.29 -13.66 -18.04
CA ARG D 93 28.67 -14.23 -18.00
C ARG D 93 28.68 -15.61 -17.32
N GLU D 94 27.93 -15.78 -16.24
CA GLU D 94 27.92 -17.07 -15.48
C GLU D 94 27.13 -18.13 -16.28
N VAL D 95 26.07 -17.75 -16.97
CA VAL D 95 25.36 -18.63 -17.96
C VAL D 95 26.36 -19.16 -19.00
N ALA D 96 27.10 -18.28 -19.63
CA ALA D 96 28.05 -18.64 -20.70
C ALA D 96 29.08 -19.64 -20.17
N LYS D 97 29.58 -19.41 -18.96
CA LYS D 97 30.57 -20.32 -18.32
C LYS D 97 29.93 -21.72 -18.22
N GLU D 98 28.69 -21.80 -17.74
CA GLU D 98 27.99 -23.11 -17.56
C GLU D 98 27.71 -23.81 -18.89
N VAL D 99 27.27 -23.08 -19.91
CA VAL D 99 27.01 -23.65 -21.26
C VAL D 99 28.31 -24.28 -21.78
N THR D 100 29.45 -23.60 -21.65
CA THR D 100 30.76 -24.12 -22.09
C THR D 100 31.12 -25.37 -21.27
N ARG D 101 30.97 -25.30 -19.95
CA ARG D 101 31.35 -26.41 -19.03
C ARG D 101 30.53 -27.67 -19.36
N LEU D 102 29.23 -27.52 -19.64
CA LEU D 102 28.30 -28.65 -19.93
C LEU D 102 28.62 -29.26 -21.30
N GLY D 103 29.27 -28.50 -22.20
CA GLY D 103 29.64 -28.95 -23.55
C GLY D 103 28.44 -29.19 -24.43
N VAL D 104 27.29 -28.57 -24.13
CA VAL D 104 26.08 -28.70 -24.97
C VAL D 104 26.31 -28.09 -26.35
N ASN D 105 25.52 -28.52 -27.32
CA ASN D 105 25.50 -27.96 -28.68
C ASN D 105 24.52 -26.80 -28.78
N SER D 106 23.52 -26.72 -27.91
CA SER D 106 22.46 -25.67 -28.00
C SER D 106 21.93 -25.32 -26.61
N VAL D 107 21.37 -24.11 -26.50
CA VAL D 107 20.80 -23.59 -25.24
C VAL D 107 19.61 -22.70 -25.58
N ALA D 108 18.53 -22.89 -24.84
CA ALA D 108 17.32 -22.07 -24.82
C ALA D 108 17.49 -21.02 -23.72
N ILE D 109 17.31 -19.74 -24.05
N ILE D 109 17.38 -19.74 -24.07
CA ILE D 109 17.60 -18.63 -23.09
CA ILE D 109 17.60 -18.61 -23.12
C ILE D 109 16.54 -17.55 -23.20
C ILE D 109 16.44 -17.61 -23.21
N PRO D 110 15.97 -17.08 -22.06
CA PRO D 110 15.06 -15.96 -22.03
C PRO D 110 15.85 -14.67 -21.77
N LEU D 111 15.21 -13.52 -22.00
CA LEU D 111 15.87 -12.20 -21.69
C LEU D 111 15.68 -11.88 -20.21
N LEU D 112 16.78 -12.02 -19.47
CA LEU D 112 16.79 -11.84 -18.01
C LEU D 112 16.41 -10.40 -17.67
N SER D 113 15.70 -10.23 -16.60
CA SER D 113 15.34 -8.94 -15.95
C SER D 113 14.39 -8.12 -16.86
N THR D 114 13.68 -8.75 -17.80
CA THR D 114 12.76 -8.02 -18.74
C THR D 114 11.29 -8.11 -18.37
N GLY D 115 10.92 -8.94 -17.41
CA GLY D 115 9.52 -9.11 -16.96
C GLY D 115 9.30 -8.41 -15.64
N VAL D 116 8.87 -9.13 -14.59
CA VAL D 116 8.57 -8.51 -13.27
C VAL D 116 9.86 -7.99 -12.62
N TYR D 117 11.06 -8.33 -13.10
CA TYR D 117 12.32 -7.74 -12.56
C TYR D 117 12.74 -6.49 -13.36
N SER D 118 11.89 -5.98 -14.27
CA SER D 118 12.29 -4.83 -15.15
C SER D 118 12.12 -3.49 -14.46
N GLY D 119 11.48 -3.43 -13.29
CA GLY D 119 11.24 -2.16 -12.61
C GLY D 119 10.34 -1.29 -13.48
N GLY D 120 9.49 -1.92 -14.31
CA GLY D 120 8.51 -1.21 -15.16
C GLY D 120 9.13 -0.53 -16.37
N LYS D 121 10.37 -0.83 -16.73
CA LYS D 121 11.06 -0.23 -17.90
C LYS D 121 11.20 -1.30 -18.99
N ASP D 122 11.28 -0.86 -20.24
CA ASP D 122 11.57 -1.72 -21.40
C ASP D 122 13.09 -1.95 -21.46
N ARG D 123 13.50 -3.19 -21.19
CA ARG D 123 14.92 -3.61 -21.11
C ARG D 123 15.30 -4.60 -22.22
N LEU D 124 14.57 -4.65 -23.34
CA LEU D 124 14.89 -5.58 -24.44
C LEU D 124 16.33 -5.36 -24.89
N THR D 125 16.69 -4.13 -25.31
CA THR D 125 18.03 -3.83 -25.89
C THR D 125 19.13 -4.09 -24.85
N GLN D 126 18.92 -3.66 -23.63
CA GLN D 126 19.90 -3.78 -22.53
C GLN D 126 20.13 -5.28 -22.29
N SER D 127 19.05 -6.01 -22.03
CA SER D 127 19.18 -7.48 -21.74
C SER D 127 19.85 -8.23 -22.91
N LEU D 128 19.38 -8.01 -24.15
CA LEU D 128 19.93 -8.66 -25.36
C LEU D 128 21.40 -8.29 -25.53
N ASN D 129 21.81 -7.04 -25.23
CA ASN D 129 23.22 -6.65 -25.44
C ASN D 129 24.14 -7.41 -24.49
N HIS D 130 23.74 -7.60 -23.24
CA HIS D 130 24.52 -8.39 -22.26
C HIS D 130 24.52 -9.87 -22.68
N LEU D 131 23.37 -10.37 -23.16
CA LEU D 131 23.27 -11.79 -23.68
C LEU D 131 24.32 -11.99 -24.79
N PHE D 132 24.36 -11.12 -25.80
CA PHE D 132 25.31 -11.29 -26.94
C PHE D 132 26.74 -11.23 -26.42
N THR D 133 27.07 -10.27 -25.55
CA THR D 133 28.45 -10.11 -25.03
C THR D 133 28.92 -11.39 -24.36
N ALA D 134 28.08 -12.00 -23.54
CA ALA D 134 28.44 -13.25 -22.82
C ALA D 134 28.49 -14.44 -23.80
N MET D 135 27.45 -14.61 -24.59
CA MET D 135 27.23 -15.88 -25.33
C MET D 135 28.15 -15.89 -26.55
N ASP D 136 28.66 -14.73 -27.00
CA ASP D 136 29.64 -14.72 -28.11
C ASP D 136 30.92 -15.49 -27.73
N SER D 137 31.16 -15.73 -26.45
CA SER D 137 32.36 -16.44 -25.95
C SER D 137 32.15 -17.96 -26.04
N THR D 138 30.94 -18.42 -26.39
CA THR D 138 30.62 -19.87 -26.55
C THR D 138 30.63 -20.27 -28.04
N ASP D 139 30.53 -21.56 -28.34
CA ASP D 139 30.34 -21.98 -29.75
C ASP D 139 28.96 -22.67 -29.90
N ALA D 140 28.05 -22.41 -28.97
CA ALA D 140 26.72 -23.08 -28.93
C ALA D 140 25.72 -22.36 -29.83
N ASP D 141 24.75 -23.12 -30.33
CA ASP D 141 23.55 -22.56 -30.98
C ASP D 141 22.69 -21.98 -29.88
N VAL D 142 22.44 -20.67 -29.94
CA VAL D 142 21.65 -19.99 -28.89
C VAL D 142 20.27 -19.70 -29.48
N VAL D 143 19.22 -20.11 -28.77
CA VAL D 143 17.82 -19.84 -29.18
C VAL D 143 17.17 -19.01 -28.08
N ILE D 144 16.84 -17.78 -28.44
CA ILE D 144 16.22 -16.81 -27.52
C ILE D 144 14.72 -16.98 -27.60
N TYR D 145 14.04 -17.09 -26.44
CA TYR D 145 12.59 -17.31 -26.32
C TYR D 145 11.91 -16.02 -25.82
N CYS D 146 10.82 -15.62 -26.47
CA CYS D 146 9.99 -14.45 -26.07
C CYS D 146 8.53 -14.82 -26.30
N ARG D 147 7.60 -13.97 -25.87
CA ARG D 147 6.16 -14.27 -25.99
C ARG D 147 5.44 -13.21 -26.82
N ASP D 148 6.03 -12.03 -26.99
CA ASP D 148 5.38 -10.88 -27.66
C ASP D 148 5.85 -10.74 -29.12
N LYS D 149 4.92 -10.46 -30.06
CA LYS D 149 5.24 -10.37 -31.51
C LYS D 149 6.21 -9.23 -31.80
N GLU D 150 6.04 -8.07 -31.16
CA GLU D 150 6.89 -6.89 -31.42
C GLU D 150 8.29 -7.15 -30.83
N TRP D 151 8.36 -7.84 -29.70
CA TRP D 151 9.68 -8.26 -29.12
C TRP D 151 10.37 -9.25 -30.07
N GLU D 152 9.65 -10.23 -30.61
CA GLU D 152 10.18 -11.21 -31.59
C GLU D 152 10.84 -10.45 -32.74
N LYS D 153 10.12 -9.49 -33.33
CA LYS D 153 10.61 -8.73 -34.50
C LYS D 153 11.87 -7.94 -34.14
N LYS D 154 11.86 -7.29 -32.97
CA LYS D 154 12.96 -6.43 -32.48
C LYS D 154 14.19 -7.31 -32.22
N ILE D 155 13.99 -8.50 -31.62
CA ILE D 155 15.10 -9.45 -31.33
C ILE D 155 15.69 -9.95 -32.66
N SER D 156 14.82 -10.32 -33.59
CA SER D 156 15.22 -10.76 -34.95
C SER D 156 16.07 -9.70 -35.65
N GLU D 157 15.63 -8.44 -35.61
CA GLU D 157 16.35 -7.31 -36.26
C GLU D 157 17.72 -7.14 -35.61
N ALA D 158 17.80 -7.25 -34.29
CA ALA D 158 19.08 -7.13 -33.57
C ALA D 158 20.05 -8.24 -33.99
N ILE D 159 19.55 -9.47 -34.16
CA ILE D 159 20.39 -10.61 -34.63
C ILE D 159 20.90 -10.25 -36.05
N GLN D 160 20.00 -9.82 -36.92
CA GLN D 160 20.28 -9.51 -38.35
C GLN D 160 21.31 -8.38 -38.43
N MET D 161 21.25 -7.39 -37.55
CA MET D 161 22.09 -6.17 -37.66
C MET D 161 23.57 -6.47 -37.32
N ARG D 162 23.86 -7.55 -36.57
CA ARG D 162 25.23 -7.91 -36.11
C ARG D 162 26.05 -8.55 -37.23
N THR D 163 25.36 -9.10 -38.22
CA THR D 163 25.97 -9.84 -39.35
C THR D 163 26.43 -8.78 -40.36
#